data_2XRA
#
_entry.id   2XRA
#
_cell.length_a   75.947
_cell.length_b   62.710
_cell.length_c   76.610
_cell.angle_alpha   90.00
_cell.angle_beta   97.70
_cell.angle_gamma   90.00
#
_symmetry.space_group_name_H-M   'P 1 21 1'
#
loop_
_entity.id
_entity.type
_entity.pdbx_description
1 polymer 'TRANSMEMBRANE PROTEIN GP41'
2 polymer 'HK20, HUMAN MONOCLONAL ANTIBODY HEAVY CHAIN'
3 polymer 'HK20, HUMAN MONOCLONAL ANTIBODY LIGHT CHAIN'
4 water water
#
loop_
_entity_poly.entity_id
_entity_poly.type
_entity_poly.pdbx_seq_one_letter_code
_entity_poly.pdbx_strand_id
1 'polypeptide(L)'
;MQLLSGIVQQQNNLLRAIEAQQHLLQLTVWGIKQLQARILAGGSGGHTTWMEWDREINNYTSLIHSLIEESQNQQEKNEQ
ELLEGSSGGQLLSGIVQQQNNLLRAIEAQQHLLQLTVWGIKQLQARILAGGSGGHTTWMEWDREINNYTSLIHSLIEESQ
NQQEKNEQELLEGSSGGQLLSGIVQQQNNLLRAIEAQQHLLQLTVWGIKQLQARILALEGGHHHHHHG
;
A
2 'polypeptide(L)'
;QLVESGAEVKKPGSSVKVSCKTSGGTFNRLAMSWVRQAPGQGLEWMGGIMPIFDITNYAQKFQGRVTIITDESTSTAYME
LRSLTSEDSAVYYCARASYSSSSPYAFDIWGQGTMVTVSSASTKGPSVFPLAPSSKSTSGGTAALGCLVKDYFPEPVTVS
WNSGALTSGVHTFPAVLQSSGLYSLSSVVTVPSSSLGTQTYICNVNHKPSNTKVDKKVEPKSC
;
H
3 'polypeptide(L)'
;DIQMTQSPSSLSPSVGDRVTITCQASQDIRNHLNWYQQKPGKAPKLLIYDASNLATGVPSRFSGSGSGTDFTFTISSLQP
EDLATYYCQHYDDLPRITFGQGTRLEIKRTVAAPSVFIFPPSDEQLKSGTASVVCLLNNFYPREAKVQWKVDNALQSGNS
QESVTEQDSKDSTYSLSSTLTLSKADYEKHKVYACEVTHQGLSSPVTKSFNRGGC
;
L
#
# COMPACT_ATOMS: atom_id res chain seq x y z
N GLN A 2 -21.19 -37.82 10.91
CA GLN A 2 -20.08 -36.86 11.21
C GLN A 2 -20.59 -35.52 11.79
N LEU A 3 -21.05 -35.61 13.04
CA LEU A 3 -21.63 -34.48 13.75
C LEU A 3 -20.55 -33.50 14.24
N LEU A 4 -19.45 -34.03 14.76
CA LEU A 4 -18.36 -33.20 15.29
C LEU A 4 -17.76 -32.30 14.23
N SER A 5 -17.55 -32.87 13.05
CA SER A 5 -17.03 -32.14 11.89
C SER A 5 -17.98 -31.03 11.42
N GLY A 6 -19.29 -31.24 11.57
CA GLY A 6 -20.29 -30.23 11.24
C GLY A 6 -20.26 -29.09 12.24
N ILE A 7 -19.92 -29.42 13.49
CA ILE A 7 -19.90 -28.44 14.57
C ILE A 7 -18.76 -27.46 14.37
N VAL A 8 -17.58 -27.99 14.05
CA VAL A 8 -16.36 -27.19 13.88
C VAL A 8 -16.48 -26.23 12.70
N GLN A 9 -17.09 -26.70 11.62
CA GLN A 9 -17.28 -25.90 10.43
C GLN A 9 -18.35 -24.81 10.64
N GLN A 10 -19.31 -25.09 11.52
CA GLN A 10 -20.38 -24.15 11.88
C GLN A 10 -19.84 -23.05 12.80
N GLN A 11 -18.92 -23.42 13.67
CA GLN A 11 -18.21 -22.44 14.49
C GLN A 11 -17.37 -21.52 13.62
N ASN A 12 -16.85 -22.07 12.51
CA ASN A 12 -16.10 -21.28 11.56
C ASN A 12 -16.97 -20.24 10.87
N ASN A 13 -18.18 -20.65 10.48
CA ASN A 13 -19.19 -19.73 9.93
C ASN A 13 -19.63 -18.63 10.92
N LEU A 14 -19.85 -19.02 12.18
CA LEU A 14 -20.17 -18.08 13.25
C LEU A 14 -19.03 -17.10 13.47
N LEU A 15 -17.78 -17.59 13.47
CA LEU A 15 -16.62 -16.70 13.58
C LEU A 15 -16.56 -15.68 12.43
N ARG A 16 -16.80 -16.13 11.19
CA ARG A 16 -16.79 -15.26 10.01
C ARG A 16 -17.87 -14.21 10.09
N ALA A 17 -19.02 -14.61 10.65
CA ALA A 17 -20.14 -13.70 10.85
C ALA A 17 -19.81 -12.61 11.86
N ILE A 18 -19.14 -12.99 12.96
CA ILE A 18 -18.67 -12.03 13.96
C ILE A 18 -17.64 -11.04 13.39
N GLU A 19 -16.76 -11.55 12.55
CA GLU A 19 -15.78 -10.71 11.85
C GLU A 19 -16.42 -9.68 10.93
N ALA A 20 -17.37 -10.10 10.09
CA ALA A 20 -18.06 -9.19 9.17
C ALA A 20 -18.92 -8.18 9.93
N GLN A 21 -19.54 -8.66 11.00
CA GLN A 21 -20.33 -7.84 11.89
C GLN A 21 -19.46 -6.78 12.59
N GLN A 22 -18.24 -7.16 12.99
CA GLN A 22 -17.27 -6.22 13.55
C GLN A 22 -16.88 -5.13 12.56
N HIS A 23 -16.68 -5.53 11.30
CA HIS A 23 -16.35 -4.59 10.24
C HIS A 23 -17.44 -3.51 10.12
N LEU A 24 -18.68 -3.95 10.00
CA LEU A 24 -19.82 -3.06 9.88
C LEU A 24 -20.03 -2.21 11.15
N LEU A 25 -19.82 -2.81 12.30
CA LEU A 25 -19.90 -2.12 13.58
C LEU A 25 -18.86 -0.98 13.68
N GLN A 26 -17.65 -1.25 13.20
CA GLN A 26 -16.57 -0.27 13.20
C GLN A 26 -16.92 0.90 12.27
N LEU A 27 -17.47 0.55 11.12
CA LEU A 27 -17.97 1.50 10.15
C LEU A 27 -19.01 2.42 10.80
N THR A 28 -19.93 1.86 11.58
CA THR A 28 -20.90 2.72 12.28
C THR A 28 -20.23 3.69 13.26
N VAL A 29 -19.18 3.23 13.96
CA VAL A 29 -18.38 4.08 14.84
C VAL A 29 -17.76 5.24 14.03
N TRP A 30 -17.24 4.91 12.84
CA TRP A 30 -16.65 5.90 11.95
C TRP A 30 -17.71 6.92 11.45
N GLY A 31 -18.91 6.44 11.22
CA GLY A 31 -20.03 7.30 10.82
C GLY A 31 -20.39 8.26 11.95
N ILE A 32 -20.58 7.72 13.14
CA ILE A 32 -20.94 8.51 14.31
C ILE A 32 -19.87 9.55 14.71
N LYS A 33 -18.60 9.18 14.65
CA LYS A 33 -17.54 10.13 14.98
C LYS A 33 -17.51 11.29 13.98
N GLN A 34 -17.74 10.99 12.69
CA GLN A 34 -17.82 12.06 11.69
C GLN A 34 -18.99 13.04 11.90
N LEU A 35 -20.16 12.52 12.24
CA LEU A 35 -21.34 13.38 12.43
C LEU A 35 -21.17 14.19 13.70
N GLN A 36 -20.51 13.58 14.68
CA GLN A 36 -20.22 14.21 15.96
C GLN A 36 -19.21 15.35 15.79
N ALA A 37 -18.16 15.11 15.00
CA ALA A 37 -17.19 16.16 14.71
C ALA A 37 -17.82 17.33 13.93
N ARG A 38 -18.78 17.04 13.06
CA ARG A 38 -19.40 18.08 12.24
C ARG A 38 -20.41 18.95 12.99
N ILE A 39 -21.12 18.37 13.96
CA ILE A 39 -22.01 19.15 14.82
C ILE A 39 -21.24 19.90 15.92
N LEU A 40 -20.04 19.43 16.25
CA LEU A 40 -19.20 20.03 17.28
C LEU A 40 -18.67 21.38 16.84
N ALA A 41 -18.25 21.46 15.58
CA ALA A 41 -17.67 22.68 15.03
C ALA A 41 -18.44 23.12 13.79
N GLY A 42 -19.54 23.86 13.95
CA GLY A 42 -20.16 24.19 15.24
C GLY A 42 -21.63 24.55 15.09
N GLY A 43 -22.31 24.91 16.18
CA GLY A 43 -21.76 24.91 17.53
C GLY A 43 -22.58 25.76 18.50
N THR A 48 -17.43 18.11 26.47
CA THR A 48 -18.21 16.89 26.08
C THR A 48 -17.95 15.70 27.00
N THR A 49 -19.00 14.90 27.20
CA THR A 49 -18.90 13.58 27.82
C THR A 49 -18.85 12.53 26.68
N TRP A 50 -18.70 13.03 25.46
CA TRP A 50 -18.33 12.21 24.31
C TRP A 50 -16.93 11.65 24.52
N MET A 51 -16.21 12.27 25.45
CA MET A 51 -14.86 11.90 25.84
C MET A 51 -14.84 10.54 26.52
N GLU A 52 -15.85 10.29 27.36
CA GLU A 52 -16.01 9.04 28.08
C GLU A 52 -16.64 7.96 27.20
N TRP A 53 -17.41 8.38 26.21
CA TRP A 53 -17.97 7.51 25.19
C TRP A 53 -16.79 6.96 24.42
N ASP A 54 -15.93 7.87 23.99
CA ASP A 54 -14.77 7.55 23.21
C ASP A 54 -13.86 6.54 23.93
N ARG A 55 -13.70 6.75 25.24
CA ARG A 55 -12.93 5.87 26.09
C ARG A 55 -13.59 4.48 26.13
N GLU A 56 -14.90 4.46 26.29
CA GLU A 56 -15.65 3.24 26.40
C GLU A 56 -15.65 2.45 25.07
N ILE A 57 -15.69 3.18 23.95
CA ILE A 57 -15.59 2.60 22.60
C ILE A 57 -14.26 1.85 22.43
N ASN A 58 -13.18 2.51 22.82
CA ASN A 58 -11.82 1.96 22.73
C ASN A 58 -11.61 0.72 23.60
N ASN A 59 -12.18 0.73 24.80
CA ASN A 59 -12.10 -0.41 25.70
C ASN A 59 -12.71 -1.67 25.09
N TYR A 60 -13.90 -1.51 24.51
CA TYR A 60 -14.62 -2.63 23.95
C TYR A 60 -14.10 -3.02 22.57
N THR A 61 -13.60 -2.06 21.80
CA THR A 61 -13.01 -2.36 20.51
C THR A 61 -11.73 -3.19 20.70
N SER A 62 -10.96 -2.84 21.73
CA SER A 62 -9.75 -3.58 22.09
C SER A 62 -10.06 -5.01 22.54
N LEU A 63 -11.12 -5.15 23.33
CA LEU A 63 -11.56 -6.44 23.83
C LEU A 63 -12.03 -7.35 22.70
N ILE A 64 -12.86 -6.83 21.79
CA ILE A 64 -13.38 -7.65 20.68
C ILE A 64 -12.26 -8.09 19.76
N HIS A 65 -11.25 -7.23 19.58
CA HIS A 65 -10.10 -7.60 18.75
C HIS A 65 -9.35 -8.79 19.35
N SER A 66 -9.17 -8.77 20.68
CA SER A 66 -8.50 -9.83 21.43
C SER A 66 -9.29 -11.14 21.38
N LEU A 67 -10.61 -11.03 21.49
CA LEU A 67 -11.47 -12.21 21.52
C LEU A 67 -11.55 -12.85 20.13
N ILE A 68 -11.63 -12.03 19.09
CA ILE A 68 -11.58 -12.53 17.71
C ILE A 68 -10.31 -13.30 17.42
N GLU A 69 -9.16 -12.70 17.73
CA GLU A 69 -7.90 -13.39 17.52
C GLU A 69 -7.82 -14.72 18.32
N GLU A 70 -8.27 -14.67 19.57
CA GLU A 70 -8.34 -15.86 20.44
C GLU A 70 -9.23 -16.95 19.79
N SER A 71 -10.33 -16.51 19.16
CA SER A 71 -11.24 -17.41 18.47
C SER A 71 -10.64 -17.98 17.20
N GLN A 72 -9.92 -17.16 16.46
CA GLN A 72 -9.19 -17.62 15.27
C GLN A 72 -8.18 -18.71 15.61
N ASN A 73 -7.49 -18.55 16.75
CA ASN A 73 -6.51 -19.52 17.22
C ASN A 73 -7.16 -20.83 17.71
N GLN A 74 -8.27 -20.70 18.43
CA GLN A 74 -9.04 -21.87 18.82
C GLN A 74 -9.61 -22.60 17.59
N GLN A 75 -10.05 -21.83 16.60
CA GLN A 75 -10.59 -22.41 15.37
C GLN A 75 -9.59 -23.25 14.61
N GLU A 76 -8.35 -22.76 14.50
CA GLU A 76 -7.28 -23.51 13.86
C GLU A 76 -6.92 -24.78 14.64
N LYS A 77 -6.88 -24.68 15.96
CA LYS A 77 -6.61 -25.84 16.81
C LYS A 77 -7.65 -26.95 16.59
N ASN A 78 -8.93 -26.60 16.73
CA ASN A 78 -10.03 -27.51 16.45
C ASN A 78 -10.00 -28.16 15.07
N GLU A 79 -9.66 -27.37 14.05
CA GLU A 79 -9.58 -27.86 12.68
C GLU A 79 -8.39 -28.81 12.52
N GLN A 80 -7.37 -28.62 13.36
CA GLN A 80 -6.19 -29.47 13.37
C GLN A 80 -6.48 -30.79 14.09
N GLU A 81 -6.98 -30.68 15.32
CA GLU A 81 -7.38 -31.83 16.11
C GLU A 81 -8.31 -32.76 15.33
N LEU A 82 -9.23 -32.16 14.58
CA LEU A 82 -10.21 -32.89 13.77
C LEU A 82 -9.53 -33.61 12.60
N LEU A 83 -8.48 -33.01 12.06
CA LEU A 83 -7.73 -33.60 10.96
C LEU A 83 -6.81 -34.74 11.42
N GLU A 84 -6.48 -34.75 12.72
CA GLU A 84 -5.63 -35.78 13.31
C GLU A 84 -6.42 -36.97 13.86
N GLY A 85 -7.74 -36.89 13.82
CA GLY A 85 -8.60 -38.01 14.18
C GLY A 85 -9.42 -37.83 15.44
N SER A 86 -9.77 -36.58 15.75
CA SER A 86 -10.69 -36.22 16.85
C SER A 86 -10.25 -36.70 18.25
N GLY A 88 -14.25 -37.12 19.84
CA GLY A 88 -13.18 -36.19 20.32
C GLY A 88 -12.90 -36.25 21.81
N GLY A 89 -11.66 -35.93 22.19
CA GLY A 89 -11.27 -35.85 23.60
C GLY A 89 -10.90 -34.42 23.85
N GLN A 90 -9.79 -34.01 23.24
CA GLN A 90 -9.39 -32.60 23.25
C GLN A 90 -10.16 -31.77 22.21
N LEU A 91 -10.81 -32.44 21.25
CA LEU A 91 -11.65 -31.73 20.28
C LEU A 91 -12.91 -31.20 20.95
N LEU A 92 -13.48 -32.03 21.82
CA LEU A 92 -14.69 -31.69 22.52
C LEU A 92 -14.48 -30.48 23.43
N SER A 93 -13.36 -30.46 24.16
CA SER A 93 -13.10 -29.37 25.07
C SER A 93 -12.82 -28.08 24.30
N GLY A 94 -12.18 -28.21 23.13
CA GLY A 94 -11.89 -27.08 22.25
C GLY A 94 -13.12 -26.50 21.57
N ILE A 95 -14.13 -27.33 21.36
CA ILE A 95 -15.42 -26.88 20.86
C ILE A 95 -16.19 -26.11 21.93
N VAL A 96 -16.14 -26.60 23.18
CA VAL A 96 -16.80 -25.91 24.28
C VAL A 96 -16.12 -24.57 24.54
N GLN A 97 -14.80 -24.55 24.44
CA GLN A 97 -13.99 -23.36 24.61
C GLN A 97 -14.31 -22.33 23.53
N GLN A 98 -14.46 -22.83 22.30
CA GLN A 98 -14.80 -21.98 21.17
C GLN A 98 -16.19 -21.37 21.30
N GLN A 99 -17.10 -22.08 21.95
CA GLN A 99 -18.40 -21.50 22.26
C GLN A 99 -18.27 -20.43 23.35
N ASN A 100 -17.34 -20.63 24.28
CA ASN A 100 -17.03 -19.62 25.28
C ASN A 100 -16.49 -18.34 24.61
N ASN A 101 -15.55 -18.52 23.66
CA ASN A 101 -14.95 -17.40 22.95
C ASN A 101 -16.00 -16.59 22.19
N LEU A 102 -16.81 -17.31 21.41
CA LEU A 102 -17.87 -16.69 20.62
C LEU A 102 -18.89 -15.93 21.46
N LEU A 103 -19.30 -16.50 22.58
CA LEU A 103 -20.21 -15.82 23.50
C LEU A 103 -19.63 -14.50 24.01
N ARG A 104 -18.36 -14.52 24.43
CA ARG A 104 -17.70 -13.31 24.92
C ARG A 104 -17.57 -12.28 23.80
N ALA A 105 -17.40 -12.74 22.57
CA ALA A 105 -17.24 -11.81 21.46
C ALA A 105 -18.58 -11.16 21.19
N ILE A 106 -19.65 -11.95 21.35
CA ILE A 106 -21.03 -11.46 21.19
C ILE A 106 -21.37 -10.42 22.25
N GLU A 107 -21.00 -10.70 23.50
CA GLU A 107 -21.14 -9.75 24.63
C GLU A 107 -20.40 -8.41 24.44
N ALA A 108 -19.16 -8.46 23.96
CA ALA A 108 -18.40 -7.25 23.75
C ALA A 108 -19.02 -6.40 22.65
N GLN A 109 -19.43 -7.04 21.55
CA GLN A 109 -20.10 -6.40 20.42
C GLN A 109 -21.42 -5.76 20.82
N GLN A 110 -22.13 -6.42 21.72
CA GLN A 110 -23.36 -5.88 22.27
C GLN A 110 -23.12 -4.60 23.04
N HIS A 111 -22.01 -4.53 23.77
CA HIS A 111 -21.66 -3.31 24.51
C HIS A 111 -21.35 -2.19 23.53
N LEU A 112 -20.63 -2.53 22.48
CA LEU A 112 -20.37 -1.63 21.38
C LEU A 112 -21.64 -1.12 20.68
N LEU A 113 -22.61 -2.02 20.50
CA LEU A 113 -23.87 -1.68 19.87
C LEU A 113 -24.69 -0.71 20.69
N GLN A 114 -24.79 -0.95 21.99
CA GLN A 114 -25.45 -0.02 22.88
C GLN A 114 -24.75 1.36 22.97
N LEU A 115 -23.43 1.40 22.79
CA LEU A 115 -22.74 2.71 22.79
C LEU A 115 -23.07 3.46 21.52
N THR A 116 -23.17 2.79 20.37
CA THR A 116 -23.52 3.46 19.13
C THR A 116 -24.98 3.95 19.12
N VAL A 117 -25.88 3.16 19.73
CA VAL A 117 -27.27 3.58 19.88
C VAL A 117 -27.31 4.89 20.69
N TRP A 118 -26.56 4.94 21.78
CA TRP A 118 -26.46 6.14 22.58
C TRP A 118 -25.96 7.33 21.74
N GLY A 119 -24.83 7.15 21.05
CA GLY A 119 -24.27 8.18 20.19
C GLY A 119 -25.24 8.71 19.14
N ILE A 120 -25.95 7.80 18.48
CA ILE A 120 -26.97 8.16 17.51
C ILE A 120 -28.11 9.00 18.13
N LYS A 121 -28.52 8.64 19.35
CA LYS A 121 -29.58 9.37 20.05
C LYS A 121 -29.14 10.77 20.47
N GLN A 122 -27.84 10.93 20.74
CA GLN A 122 -27.29 12.24 21.08
C GLN A 122 -27.26 13.11 19.86
N LEU A 123 -26.93 12.52 18.72
CA LEU A 123 -26.87 13.23 17.47
C LEU A 123 -28.26 13.59 16.98
N GLN A 124 -29.22 12.70 17.24
CA GLN A 124 -30.62 12.92 16.89
C GLN A 124 -31.23 14.11 17.63
N ALA A 125 -30.95 14.21 18.93
CA ALA A 125 -31.50 15.27 19.79
C ALA A 125 -31.04 16.66 19.36
N ARG A 126 -29.85 16.72 18.77
CA ARG A 126 -29.27 17.96 18.28
C ARG A 126 -29.76 18.30 16.86
N ILE A 127 -29.94 17.29 16.03
CA ILE A 127 -30.28 17.47 14.61
C ILE A 127 -31.79 17.69 14.34
N LEU A 128 -32.63 17.04 15.16
CA LEU A 128 -34.09 17.19 15.07
C LEU A 128 -34.63 17.94 16.28
N GLY A 134 -40.40 12.22 9.12
CA GLY A 134 -39.80 13.00 10.24
C GLY A 134 -39.94 12.29 11.57
N HIS A 135 -40.57 12.97 12.52
CA HIS A 135 -40.74 12.51 13.92
C HIS A 135 -41.39 11.11 14.07
N THR A 136 -42.11 10.66 13.04
CA THR A 136 -42.88 9.40 13.09
C THR A 136 -42.03 8.13 12.96
N THR A 137 -41.08 8.14 12.03
CA THR A 137 -40.27 6.96 11.73
C THR A 137 -39.19 6.77 12.80
N TRP A 138 -38.80 7.87 13.43
CA TRP A 138 -37.84 7.82 14.53
C TRP A 138 -38.43 7.20 15.81
N MET A 139 -39.71 7.47 16.07
CA MET A 139 -40.40 6.85 17.19
C MET A 139 -40.59 5.33 16.99
N GLU A 140 -40.81 4.92 15.75
CA GLU A 140 -40.86 3.49 15.40
C GLU A 140 -39.47 2.82 15.45
N TRP A 141 -38.44 3.56 15.04
CA TRP A 141 -37.03 3.15 15.17
C TRP A 141 -36.68 2.88 16.63
N ASP A 142 -37.05 3.83 17.47
CA ASP A 142 -36.84 3.78 18.90
C ASP A 142 -37.43 2.51 19.53
N ARG A 143 -38.68 2.19 19.20
CA ARG A 143 -39.38 1.02 19.70
C ARG A 143 -38.70 -0.28 19.28
N GLU A 144 -38.25 -0.30 18.02
CA GLU A 144 -37.48 -1.43 17.48
C GLU A 144 -36.13 -1.63 18.15
N ILE A 145 -35.39 -0.54 18.36
CA ILE A 145 -34.13 -0.55 19.11
C ILE A 145 -34.35 -1.11 20.53
N ASN A 146 -35.42 -0.67 21.20
CA ASN A 146 -35.70 -1.17 22.54
C ASN A 146 -36.03 -2.64 22.56
N ASN A 147 -36.77 -3.11 21.55
CA ASN A 147 -37.17 -4.51 21.49
C ASN A 147 -35.99 -5.43 21.26
N TYR A 148 -35.12 -5.04 20.35
CA TYR A 148 -33.98 -5.88 20.02
C TYR A 148 -32.93 -5.91 21.14
N THR A 149 -32.67 -4.76 21.75
CA THR A 149 -31.73 -4.69 22.87
C THR A 149 -32.20 -5.64 23.97
N SER A 150 -33.49 -5.56 24.27
CA SER A 150 -34.14 -6.40 25.25
C SER A 150 -34.10 -7.88 24.87
N LEU A 151 -34.33 -8.18 23.58
CA LEU A 151 -34.27 -9.54 23.02
C LEU A 151 -32.86 -10.13 23.12
N ILE A 152 -31.89 -9.30 22.78
CA ILE A 152 -30.49 -9.70 22.79
C ILE A 152 -30.01 -10.06 24.20
N HIS A 153 -30.42 -9.28 25.20
CA HIS A 153 -30.06 -9.58 26.58
C HIS A 153 -30.50 -10.98 27.00
N SER A 154 -31.78 -11.29 26.83
CA SER A 154 -32.30 -12.61 27.21
C SER A 154 -31.70 -13.75 26.38
N LEU A 155 -31.30 -13.44 25.14
CA LEU A 155 -30.56 -14.39 24.28
C LEU A 155 -29.14 -14.64 24.78
N ILE A 156 -28.52 -13.59 25.31
CA ILE A 156 -27.19 -13.68 25.89
C ILE A 156 -27.27 -14.47 27.21
N GLU A 157 -28.29 -14.15 28.02
CA GLU A 157 -28.53 -14.85 29.28
C GLU A 157 -28.72 -16.35 29.05
N GLU A 158 -29.50 -16.68 28.02
CA GLU A 158 -29.80 -18.07 27.65
C GLU A 158 -28.52 -18.79 27.21
N SER A 159 -27.64 -18.07 26.51
CA SER A 159 -26.35 -18.60 26.13
C SER A 159 -25.40 -18.79 27.32
N GLN A 160 -25.41 -17.85 28.26
CA GLN A 160 -24.53 -17.92 29.41
C GLN A 160 -24.92 -19.13 30.26
N ASN A 161 -26.23 -19.30 30.46
CA ASN A 161 -26.76 -20.46 31.22
C ASN A 161 -26.42 -21.81 30.57
N GLN A 162 -26.53 -21.88 29.25
CA GLN A 162 -26.17 -23.10 28.54
C GLN A 162 -24.66 -23.34 28.51
N GLN A 163 -23.87 -22.27 28.48
CA GLN A 163 -22.41 -22.42 28.50
C GLN A 163 -21.92 -23.02 29.82
N GLU A 164 -22.43 -22.49 30.94
CA GLU A 164 -22.06 -22.94 32.27
C GLU A 164 -22.40 -24.42 32.49
N LYS A 165 -23.55 -24.82 31.97
CA LYS A 165 -24.09 -26.18 32.05
C LYS A 165 -23.27 -27.12 31.18
N ASN A 166 -22.92 -26.66 29.99
CA ASN A 166 -22.01 -27.41 29.11
C ASN A 166 -20.63 -27.60 29.72
N GLU A 167 -20.08 -26.54 30.32
CA GLU A 167 -18.77 -26.62 30.95
C GLU A 167 -18.75 -27.61 32.13
N GLN A 168 -19.79 -27.57 32.96
CA GLN A 168 -19.86 -28.49 34.11
C GLN A 168 -19.91 -29.94 33.64
N GLU A 169 -20.74 -30.21 32.63
CA GLU A 169 -20.92 -31.55 32.12
C GLU A 169 -19.64 -32.07 31.45
N LEU A 170 -18.93 -31.20 30.74
CA LEU A 170 -17.61 -31.50 30.20
C LEU A 170 -16.61 -31.99 31.25
N LEU A 171 -16.67 -31.43 32.45
CA LEU A 171 -15.73 -31.77 33.52
C LEU A 171 -15.98 -33.15 34.14
N GLU A 172 -17.05 -33.82 33.71
CA GLU A 172 -17.43 -35.12 34.27
C GLU A 172 -17.28 -36.30 33.31
N GLY A 173 -17.70 -36.11 32.06
CA GLY A 173 -17.76 -37.18 31.06
C GLY A 173 -18.61 -36.72 29.88
N SER A 174 -19.72 -37.41 29.63
CA SER A 174 -20.65 -37.06 28.55
C SER A 174 -22.09 -37.53 28.86
N GLN A 178 -25.73 -36.29 26.31
CA GLN A 178 -26.27 -35.07 26.96
C GLN A 178 -25.40 -33.85 26.68
N LEU A 179 -24.08 -34.02 26.81
CA LEU A 179 -23.14 -32.97 26.49
C LEU A 179 -23.29 -32.53 25.05
N LEU A 180 -23.32 -33.54 24.17
CA LEU A 180 -23.32 -33.32 22.73
C LEU A 180 -24.57 -32.57 22.29
N SER A 181 -25.69 -32.88 22.94
CA SER A 181 -26.93 -32.16 22.68
C SER A 181 -26.87 -30.73 23.22
N GLY A 182 -26.22 -30.53 24.36
CA GLY A 182 -26.01 -29.20 24.93
C GLY A 182 -25.14 -28.30 24.05
N ILE A 183 -24.11 -28.88 23.44
CA ILE A 183 -23.27 -28.18 22.48
C ILE A 183 -24.10 -27.71 21.28
N VAL A 184 -24.95 -28.59 20.76
CA VAL A 184 -25.80 -28.28 19.62
C VAL A 184 -26.82 -27.18 19.95
N GLN A 185 -27.46 -27.26 21.12
CA GLN A 185 -28.31 -26.20 21.62
C GLN A 185 -27.56 -24.88 21.76
N GLN A 186 -26.30 -24.94 22.18
CA GLN A 186 -25.48 -23.75 22.33
C GLN A 186 -25.09 -23.14 20.98
N GLN A 187 -24.85 -23.98 19.97
CA GLN A 187 -24.64 -23.48 18.58
C GLN A 187 -25.82 -22.62 18.10
N ASN A 188 -27.03 -23.09 18.39
CA ASN A 188 -28.25 -22.38 18.00
C ASN A 188 -28.45 -21.11 18.80
N ASN A 189 -28.18 -21.18 20.10
CA ASN A 189 -28.22 -20.01 20.97
C ASN A 189 -27.34 -18.88 20.46
N LEU A 190 -26.14 -19.25 19.98
CA LEU A 190 -25.16 -18.28 19.51
C LEU A 190 -25.57 -17.72 18.18
N LEU A 191 -26.06 -18.60 17.32
CA LEU A 191 -26.53 -18.22 16.00
C LEU A 191 -27.67 -17.19 16.07
N ARG A 192 -28.66 -17.45 16.93
CA ARG A 192 -29.79 -16.54 17.13
C ARG A 192 -29.38 -15.18 17.70
N ALA A 193 -28.41 -15.17 18.61
CA ALA A 193 -27.87 -13.92 19.15
C ALA A 193 -27.25 -13.07 18.04
N ILE A 194 -26.46 -13.70 17.17
CA ILE A 194 -25.79 -13.01 16.07
C ILE A 194 -26.82 -12.45 15.09
N GLU A 195 -27.85 -13.23 14.79
CA GLU A 195 -28.92 -12.78 13.89
C GLU A 195 -29.74 -11.61 14.45
N ALA A 196 -30.01 -11.61 15.74
CA ALA A 196 -30.69 -10.49 16.38
C ALA A 196 -29.80 -9.23 16.40
N GLN A 197 -28.49 -9.43 16.63
CA GLN A 197 -27.50 -8.33 16.54
C GLN A 197 -27.35 -7.71 15.16
N GLN A 198 -27.46 -8.55 14.13
CA GLN A 198 -27.38 -8.12 12.73
C GLN A 198 -28.57 -7.23 12.36
N HIS A 199 -29.70 -7.47 13.03
CA HIS A 199 -30.89 -6.67 12.89
C HIS A 199 -30.71 -5.35 13.59
N LEU A 200 -30.20 -5.41 14.82
CA LEU A 200 -29.87 -4.20 15.57
C LEU A 200 -28.88 -3.32 14.79
N LEU A 201 -27.93 -3.96 14.11
CA LEU A 201 -26.87 -3.26 13.42
C LEU A 201 -27.40 -2.62 12.15
N GLN A 202 -28.41 -3.25 11.52
CA GLN A 202 -29.09 -2.63 10.39
C GLN A 202 -29.91 -1.41 10.83
N LEU A 203 -30.45 -1.47 12.05
CA LEU A 203 -31.17 -0.35 12.60
C LEU A 203 -30.25 0.86 12.84
N THR A 204 -29.04 0.61 13.34
CA THR A 204 -28.07 1.68 13.54
C THR A 204 -27.54 2.27 12.21
N VAL A 205 -27.38 1.42 11.21
CA VAL A 205 -26.94 1.87 9.89
C VAL A 205 -27.97 2.83 9.31
N TRP A 206 -29.24 2.45 9.45
CA TRP A 206 -30.36 3.26 9.00
C TRP A 206 -30.43 4.60 9.74
N GLY A 207 -30.24 4.59 11.05
CA GLY A 207 -30.19 5.85 11.81
C GLY A 207 -29.06 6.79 11.36
N ILE A 208 -27.87 6.25 11.11
CA ILE A 208 -26.76 7.11 10.69
C ILE A 208 -27.05 7.72 9.32
N LYS A 209 -27.52 6.88 8.41
CA LYS A 209 -27.87 7.27 7.07
C LYS A 209 -28.91 8.39 7.08
N GLN A 210 -29.91 8.26 7.94
CA GLN A 210 -30.94 9.24 8.10
C GLN A 210 -30.41 10.55 8.69
N LEU A 211 -29.50 10.47 9.67
CA LEU A 211 -28.93 11.68 10.28
C LEU A 211 -28.12 12.47 9.26
N GLN A 212 -27.36 11.73 8.45
CA GLN A 212 -26.58 12.31 7.37
C GLN A 212 -27.48 13.04 6.35
N ALA A 213 -28.61 12.40 6.02
CA ALA A 213 -29.60 12.97 5.10
C ALA A 213 -30.28 14.22 5.63
N ARG A 214 -30.50 14.28 6.95
CA ARG A 214 -31.14 15.45 7.57
C ARG A 214 -30.21 16.63 7.72
N ILE A 215 -28.92 16.34 7.88
CA ILE A 215 -27.90 17.37 8.03
C ILE A 215 -27.82 18.25 6.78
N LEU A 216 -27.99 17.64 5.60
CA LEU A 216 -28.00 18.37 4.33
C LEU A 216 -29.34 19.05 3.97
N ALA A 217 -30.31 19.00 4.89
CA ALA A 217 -31.60 19.68 4.73
C ALA A 217 -31.95 20.46 5.99
N GLN B 1 -9.45 -5.66 -2.46
CA GLN B 1 -8.14 -5.75 -3.13
C GLN B 1 -8.22 -4.74 -4.25
N LEU B 2 -7.13 -4.00 -4.56
CA LEU B 2 -7.27 -2.80 -5.43
C LEU B 2 -6.39 -2.76 -6.69
N VAL B 3 -6.97 -2.44 -7.85
CA VAL B 3 -6.24 -2.31 -9.13
C VAL B 3 -6.66 -1.04 -9.86
N GLU B 4 -5.69 -0.25 -10.32
CA GLU B 4 -5.97 1.07 -10.89
C GLU B 4 -5.76 1.15 -12.41
N SER B 5 -6.35 2.17 -13.04
CA SER B 5 -6.19 2.40 -14.47
C SER B 5 -4.79 2.92 -14.85
N GLY B 6 -4.47 2.85 -16.14
CA GLY B 6 -3.13 3.15 -16.62
C GLY B 6 -2.77 4.63 -16.56
N ALA B 7 -1.47 4.90 -16.60
CA ALA B 7 -0.94 6.26 -16.56
C ALA B 7 -1.44 7.07 -17.75
N GLU B 8 -1.53 8.38 -17.57
CA GLU B 8 -2.11 9.26 -18.58
C GLU B 8 -1.40 10.60 -18.73
N VAL B 9 -1.50 11.14 -19.96
CA VAL B 9 -1.22 12.53 -20.26
C VAL B 9 -2.53 13.29 -20.35
N LYS B 10 -2.53 14.53 -19.87
CA LYS B 10 -3.70 15.43 -20.01
C LYS B 10 -3.27 16.87 -20.25
N LYS B 11 -4.00 17.56 -21.13
CA LYS B 11 -3.78 18.97 -21.45
C LYS B 11 -4.16 19.85 -20.26
N PRO B 12 -3.42 20.94 -20.03
CA PRO B 12 -3.69 21.84 -18.92
C PRO B 12 -5.16 22.04 -18.49
N GLY B 13 -6.04 22.54 -19.36
CA GLY B 13 -7.42 22.77 -18.93
C GLY B 13 -8.30 21.53 -18.69
N SER B 14 -7.79 20.35 -19.05
CA SER B 14 -8.55 19.10 -18.99
C SER B 14 -8.94 18.68 -17.59
N SER B 15 -9.67 17.57 -17.55
CA SER B 15 -9.98 16.85 -16.33
C SER B 15 -9.53 15.43 -16.56
N VAL B 16 -9.07 14.77 -15.50
CA VAL B 16 -8.67 13.35 -15.55
C VAL B 16 -9.58 12.50 -14.67
N LYS B 17 -9.96 11.33 -15.17
CA LYS B 17 -10.70 10.37 -14.35
C LYS B 17 -9.87 9.12 -14.09
N VAL B 18 -9.67 8.75 -12.82
CA VAL B 18 -8.88 7.57 -12.46
C VAL B 18 -9.81 6.53 -11.87
N SER B 19 -9.69 5.28 -12.33
CA SER B 19 -10.51 4.20 -11.82
C SER B 19 -9.74 3.28 -10.86
N CYS B 20 -10.48 2.54 -10.04
CA CYS B 20 -9.93 1.69 -8.98
C CYS B 20 -10.90 0.52 -8.75
N LYS B 21 -10.48 -0.68 -9.13
CA LYS B 21 -11.32 -1.86 -9.07
C LYS B 21 -11.02 -2.70 -7.85
N THR B 22 -12.08 -3.03 -7.13
CA THR B 22 -11.99 -3.90 -5.95
C THR B 22 -12.38 -5.34 -6.30
N SER B 23 -11.74 -6.30 -5.64
CA SER B 23 -11.99 -7.72 -5.91
C SER B 23 -13.25 -8.23 -5.21
N GLY B 24 -13.55 -7.62 -4.06
CA GLY B 24 -14.72 -7.95 -3.24
C GLY B 24 -16.06 -7.72 -3.90
N GLY B 25 -16.27 -6.52 -4.47
CA GLY B 25 -17.53 -6.25 -5.16
C GLY B 25 -18.48 -5.26 -4.51
N THR B 26 -18.45 -5.15 -3.18
CA THR B 26 -19.36 -4.22 -2.47
C THR B 26 -18.66 -3.07 -1.76
N PHE B 27 -19.10 -1.85 -2.10
CA PHE B 27 -18.59 -0.63 -1.50
C PHE B 27 -19.32 -0.29 -0.20
N ASN B 28 -20.47 -0.94 -0.02
CA ASN B 28 -21.33 -0.71 1.14
C ASN B 28 -20.80 -1.31 2.44
N ARG B 29 -19.63 -1.92 2.40
CA ARG B 29 -19.01 -2.50 3.59
C ARG B 29 -17.62 -1.94 3.87
N LEU B 30 -17.22 -0.90 3.14
CA LEU B 30 -15.89 -0.33 3.32
C LEU B 30 -15.82 1.22 3.33
N ALA B 31 -14.70 1.73 3.80
CA ALA B 31 -14.34 3.12 3.62
C ALA B 31 -13.09 3.14 2.80
N MET B 32 -13.02 4.09 1.89
CA MET B 32 -11.83 4.28 1.10
C MET B 32 -11.58 5.74 0.74
N SER B 33 -10.32 6.05 0.44
CA SER B 33 -9.91 7.40 0.16
C SER B 33 -9.03 7.41 -1.09
N TRP B 34 -8.79 8.63 -1.57
CA TRP B 34 -7.84 8.88 -2.63
C TRP B 34 -6.73 9.81 -2.12
N VAL B 35 -5.50 9.35 -2.28
CA VAL B 35 -4.30 10.08 -1.85
C VAL B 35 -3.40 10.29 -3.06
N ARG B 36 -2.83 11.49 -3.19
CA ARG B 36 -1.88 11.72 -4.26
C ARG B 36 -0.48 12.02 -3.76
N GLN B 37 0.49 11.81 -4.64
CA GLN B 37 1.89 12.06 -4.33
C GLN B 37 2.52 12.80 -5.50
N ALA B 38 2.59 14.11 -5.35
CA ALA B 38 3.18 14.95 -6.37
C ALA B 38 4.64 15.24 -5.99
N PRO B 39 5.60 14.51 -6.61
CA PRO B 39 6.97 15.00 -6.51
C PRO B 39 7.13 16.24 -7.41
N GLY B 40 7.50 17.39 -6.83
CA GLY B 40 7.81 17.51 -5.41
C GLY B 40 6.83 18.35 -4.61
N GLN B 41 6.47 17.92 -3.40
CA GLN B 41 6.81 16.59 -2.85
C GLN B 41 5.77 16.17 -1.76
N GLY B 42 5.72 14.88 -1.43
CA GLY B 42 4.90 14.44 -0.30
C GLY B 42 3.45 14.04 -0.59
N LEU B 43 2.86 13.37 0.40
CA LEU B 43 1.53 12.78 0.29
C LEU B 43 0.39 13.71 0.69
N GLU B 44 -0.63 13.71 -0.15
CA GLU B 44 -1.80 14.55 0.07
C GLU B 44 -3.13 13.80 -0.07
N TRP B 45 -3.89 13.75 1.01
CA TRP B 45 -5.26 13.23 0.99
C TRP B 45 -6.17 14.18 0.22
N MET B 46 -6.90 13.64 -0.77
CA MET B 46 -7.82 14.39 -1.62
C MET B 46 -9.28 14.31 -1.19
N GLY B 47 -9.68 13.12 -0.72
CA GLY B 47 -11.04 12.87 -0.27
C GLY B 47 -11.32 11.43 0.09
N GLY B 48 -12.52 11.16 0.59
CA GLY B 48 -12.88 9.82 1.05
C GLY B 48 -14.37 9.56 0.96
N ILE B 49 -14.74 8.28 1.01
CA ILE B 49 -16.14 7.83 0.92
C ILE B 49 -16.51 6.75 1.95
N MET B 50 -17.74 6.86 2.45
CA MET B 50 -18.39 5.80 3.21
C MET B 50 -19.73 5.64 2.55
N PRO B 51 -19.78 4.84 1.47
CA PRO B 51 -20.95 4.73 0.61
C PRO B 51 -22.21 4.24 1.33
N ILE B 52 -22.03 3.49 2.42
CA ILE B 52 -23.18 2.94 3.17
C ILE B 52 -23.99 4.02 3.87
N PHE B 53 -23.35 5.12 4.25
CA PHE B 53 -24.04 6.24 4.86
C PHE B 53 -24.23 7.38 3.85
N ASP B 54 -23.88 7.10 2.59
CA ASP B 54 -23.88 8.08 1.51
C ASP B 54 -22.93 9.25 1.80
N ILE B 55 -21.85 8.99 2.51
CA ILE B 55 -20.92 10.06 2.86
C ILE B 55 -19.79 10.15 1.85
N THR B 56 -19.56 11.37 1.36
CA THR B 56 -18.43 11.72 0.53
C THR B 56 -17.76 12.95 1.14
N ASN B 57 -16.45 12.87 1.31
CA ASN B 57 -15.63 13.94 1.85
C ASN B 57 -14.56 14.38 0.85
N TYR B 58 -14.31 15.69 0.80
CA TYR B 58 -13.30 16.26 -0.08
C TYR B 58 -12.44 17.21 0.70
N ALA B 59 -11.12 17.13 0.50
CA ALA B 59 -10.19 18.11 1.09
C ALA B 59 -10.46 19.53 0.56
N GLN B 60 -10.39 20.49 1.47
CA GLN B 60 -10.67 21.90 1.19
C GLN B 60 -9.96 22.43 -0.04
N LYS B 61 -8.70 22.09 -0.20
CA LYS B 61 -7.95 22.63 -1.33
C LYS B 61 -8.42 22.07 -2.67
N PHE B 62 -9.12 20.94 -2.64
CA PHE B 62 -9.58 20.29 -3.88
C PHE B 62 -11.09 20.44 -4.12
N GLN B 63 -11.81 20.83 -3.08
CA GLN B 63 -13.24 21.13 -3.17
C GLN B 63 -13.58 21.99 -4.40
N GLY B 64 -14.57 21.51 -5.17
CA GLY B 64 -14.97 22.18 -6.41
C GLY B 64 -14.32 21.66 -7.68
N ARG B 65 -13.26 20.86 -7.55
CA ARG B 65 -12.61 20.24 -8.73
C ARG B 65 -12.62 18.72 -8.65
N VAL B 66 -12.85 18.18 -7.46
CA VAL B 66 -12.76 16.73 -7.27
C VAL B 66 -14.16 16.08 -7.12
N THR B 67 -14.35 14.95 -7.79
CA THR B 67 -15.52 14.11 -7.61
C THR B 67 -15.09 12.65 -7.35
N ILE B 68 -15.61 12.05 -6.29
CA ILE B 68 -15.43 10.62 -6.04
C ILE B 68 -16.77 9.89 -6.20
N ILE B 69 -16.75 8.85 -7.03
CA ILE B 69 -17.94 8.07 -7.41
C ILE B 69 -17.68 6.58 -7.17
N THR B 70 -18.71 5.84 -6.79
CA THR B 70 -18.63 4.38 -6.82
C THR B 70 -19.63 3.78 -7.80
N ASP B 71 -19.26 2.66 -8.39
CA ASP B 71 -20.15 1.93 -9.28
C ASP B 71 -20.25 0.47 -8.84
N GLU B 72 -21.32 0.16 -8.11
CA GLU B 72 -21.57 -1.18 -7.59
C GLU B 72 -21.50 -2.26 -8.68
N SER B 73 -22.06 -1.97 -9.86
CA SER B 73 -22.22 -2.94 -10.94
C SER B 73 -20.91 -3.41 -11.55
N THR B 74 -19.88 -2.58 -11.49
CA THR B 74 -18.56 -2.92 -12.01
C THR B 74 -17.56 -3.04 -10.88
N SER B 75 -18.08 -2.91 -9.65
CA SER B 75 -17.25 -2.86 -8.44
C SER B 75 -16.00 -1.96 -8.62
N THR B 76 -16.19 -0.81 -9.26
CA THR B 76 -15.11 0.11 -9.60
C THR B 76 -15.37 1.49 -9.02
N ALA B 77 -14.36 2.07 -8.38
CA ALA B 77 -14.41 3.41 -7.84
C ALA B 77 -13.73 4.38 -8.78
N TYR B 78 -14.19 5.62 -8.82
CA TYR B 78 -13.64 6.66 -9.71
C TYR B 78 -13.40 7.97 -8.97
N MET B 79 -12.22 8.56 -9.18
CA MET B 79 -12.04 9.95 -8.80
C MET B 79 -11.74 10.77 -10.05
N GLU B 80 -12.40 11.93 -10.14
CA GLU B 80 -12.20 12.84 -11.24
C GLU B 80 -11.69 14.17 -10.69
N LEU B 81 -10.58 14.65 -11.23
CA LEU B 81 -10.05 15.96 -10.90
C LEU B 81 -10.18 16.86 -12.12
N ARG B 82 -10.73 18.05 -11.93
CA ARG B 82 -10.98 19.00 -13.02
C ARG B 82 -10.03 20.21 -12.99
N SER B 83 -9.97 20.92 -14.13
CA SER B 83 -9.19 22.16 -14.28
C SER B 83 -7.73 21.96 -13.93
N LEU B 84 -7.15 20.96 -14.59
CA LEU B 84 -5.82 20.46 -14.30
C LEU B 84 -4.75 21.53 -14.46
N THR B 85 -3.92 21.66 -13.43
CA THR B 85 -2.81 22.61 -13.45
C THR B 85 -1.51 21.84 -13.54
N SER B 86 -0.45 22.52 -13.97
CA SER B 86 0.90 21.96 -13.94
C SER B 86 1.34 21.57 -12.52
N GLU B 87 0.42 21.75 -11.57
CA GLU B 87 0.64 21.46 -10.17
C GLU B 87 -0.05 20.15 -9.79
N ASP B 88 -0.77 19.57 -10.75
CA ASP B 88 -1.53 18.34 -10.55
C ASP B 88 -0.83 17.13 -11.14
N SER B 89 0.36 17.33 -11.68
CA SER B 89 1.21 16.20 -12.05
C SER B 89 1.58 15.41 -10.80
N ALA B 90 1.11 14.17 -10.70
CA ALA B 90 1.29 13.36 -9.50
C ALA B 90 0.96 11.94 -9.78
N VAL B 91 1.23 11.08 -8.79
CA VAL B 91 0.74 9.73 -8.77
C VAL B 91 -0.47 9.70 -7.84
N TYR B 92 -1.59 9.16 -8.33
CA TYR B 92 -2.83 9.06 -7.54
C TYR B 92 -3.06 7.64 -7.07
N TYR B 93 -3.40 7.50 -5.80
CA TYR B 93 -3.69 6.22 -5.19
C TYR B 93 -5.09 6.20 -4.61
N CYS B 94 -5.78 5.10 -4.85
CA CYS B 94 -6.94 4.75 -4.07
C CYS B 94 -6.48 3.81 -2.97
N ALA B 95 -7.03 3.96 -1.77
CA ALA B 95 -6.64 3.11 -0.67
C ALA B 95 -7.83 2.83 0.24
N ARG B 96 -7.85 1.62 0.79
CA ARG B 96 -8.89 1.17 1.71
C ARG B 96 -8.51 1.42 3.17
N ALA B 97 -9.48 1.80 3.97
CA ALA B 97 -9.25 1.99 5.40
C ALA B 97 -9.24 0.67 6.16
N SER B 98 -8.26 0.53 7.04
CA SER B 98 -8.19 -0.60 7.93
C SER B 98 -9.33 -0.60 8.92
N TYR B 99 -9.93 -1.78 9.17
CA TYR B 99 -11.03 -1.94 10.14
C TYR B 99 -10.52 -1.90 11.57
N SER B 100 -9.21 -1.95 11.74
CA SER B 100 -8.64 -2.02 13.08
C SER B 100 -8.62 -0.63 13.76
N SER B 101 -8.52 0.41 12.93
CA SER B 101 -8.37 1.77 13.39
C SER B 101 -9.67 2.39 13.92
N SER B 102 -9.54 3.28 14.89
CA SER B 102 -10.71 3.99 15.42
C SER B 102 -11.32 5.02 14.44
N SER B 103 -10.64 5.30 13.32
CA SER B 103 -11.18 6.12 12.22
C SER B 103 -10.94 5.47 10.83
N PRO B 104 -11.62 5.96 9.79
CA PRO B 104 -11.45 5.34 8.47
C PRO B 104 -10.26 5.86 7.67
N TYR B 105 -9.16 6.17 8.36
CA TYR B 105 -8.01 6.80 7.69
C TYR B 105 -6.65 6.10 7.92
N ALA B 106 -6.67 4.87 8.46
CA ALA B 106 -5.44 4.06 8.47
C ALA B 106 -5.41 3.15 7.25
N PHE B 107 -4.89 3.67 6.14
CA PHE B 107 -4.98 3.01 4.85
C PHE B 107 -4.10 1.77 4.73
N ASP B 108 -4.70 0.60 4.85
CA ASP B 108 -3.93 -0.65 4.83
C ASP B 108 -3.91 -1.40 3.49
N ILE B 109 -4.89 -1.15 2.61
CA ILE B 109 -4.84 -1.74 1.26
C ILE B 109 -4.77 -0.64 0.21
N TRP B 110 -3.77 -0.72 -0.67
CA TRP B 110 -3.52 0.33 -1.66
C TRP B 110 -3.47 -0.20 -3.09
N GLY B 111 -3.92 0.65 -4.04
CA GLY B 111 -3.73 0.38 -5.46
C GLY B 111 -2.29 0.67 -5.85
N GLN B 112 -1.94 0.39 -7.10
CA GLN B 112 -0.55 0.51 -7.56
C GLN B 112 -0.18 1.96 -7.88
N GLY B 113 -1.18 2.84 -7.93
CA GLY B 113 -0.94 4.26 -8.23
C GLY B 113 -1.09 4.53 -9.70
N THR B 114 -1.54 5.73 -10.05
CA THR B 114 -1.71 6.09 -11.44
C THR B 114 -0.99 7.40 -11.65
N MET B 115 -0.07 7.41 -12.60
CA MET B 115 0.73 8.60 -12.85
C MET B 115 -0.01 9.47 -13.84
N VAL B 116 -0.22 10.72 -13.46
CA VAL B 116 -0.85 11.67 -14.34
C VAL B 116 0.11 12.83 -14.56
N THR B 117 0.40 13.09 -15.82
CA THR B 117 1.23 14.22 -16.22
C THR B 117 0.38 15.23 -16.97
N VAL B 118 0.50 16.50 -16.57
CA VAL B 118 -0.22 17.58 -17.19
C VAL B 118 0.74 18.34 -18.08
N SER B 119 0.59 18.16 -19.38
CA SER B 119 1.57 18.69 -20.31
C SER B 119 0.99 19.69 -21.31
N SER B 120 0.31 19.15 -22.32
CA SER B 120 -0.04 19.86 -23.57
C SER B 120 0.78 19.33 -24.75
N ALA B 121 1.92 18.69 -24.45
CA ALA B 121 2.74 18.02 -25.47
C ALA B 121 2.18 16.64 -25.82
N SER B 122 2.37 16.23 -27.07
CA SER B 122 1.78 14.98 -27.55
C SER B 122 2.54 13.75 -27.06
N THR B 123 1.83 12.63 -26.92
CA THR B 123 2.46 11.37 -26.52
C THR B 123 3.48 10.90 -27.56
N LYS B 124 4.57 10.30 -27.08
CA LYS B 124 5.59 9.73 -27.93
C LYS B 124 5.84 8.27 -27.56
N GLY B 125 5.85 7.42 -28.58
CA GLY B 125 6.13 6.00 -28.39
C GLY B 125 7.62 5.73 -28.26
N PRO B 126 7.99 4.85 -27.32
CA PRO B 126 9.39 4.45 -27.11
C PRO B 126 9.95 3.54 -28.21
N SER B 127 11.24 3.72 -28.51
CA SER B 127 11.99 2.79 -29.34
C SER B 127 12.89 1.92 -28.46
N VAL B 128 12.84 0.60 -28.67
CA VAL B 128 13.52 -0.36 -27.81
C VAL B 128 14.71 -1.05 -28.49
N PHE B 129 15.92 -0.69 -28.06
CA PHE B 129 17.17 -1.25 -28.61
C PHE B 129 17.84 -2.24 -27.65
N PRO B 130 18.30 -3.39 -28.17
CA PRO B 130 18.96 -4.37 -27.31
C PRO B 130 20.31 -3.91 -26.75
N LEU B 131 20.68 -4.40 -25.58
CA LEU B 131 22.03 -4.23 -25.06
C LEU B 131 22.67 -5.61 -25.00
N ALA B 132 23.25 -6.01 -26.13
CA ALA B 132 23.78 -7.34 -26.33
C ALA B 132 25.10 -7.57 -25.58
N PRO B 133 25.29 -8.79 -25.04
CA PRO B 133 26.59 -9.30 -24.64
C PRO B 133 27.29 -10.03 -25.82
N SER B 134 28.59 -9.84 -26.09
CA SER B 134 29.58 -8.95 -25.44
C SER B 134 30.68 -9.76 -24.74
N SER B 135 31.92 -9.46 -25.11
CA SER B 135 33.11 -10.18 -24.62
C SER B 135 33.27 -10.37 -23.09
N LYS B 136 33.26 -9.33 -22.23
CA LYS B 136 32.97 -7.85 -22.41
C LYS B 136 31.66 -7.40 -21.72
N SER B 137 30.99 -8.37 -21.08
CA SER B 137 29.81 -8.14 -20.27
C SER B 137 29.87 -9.10 -19.10
N THR B 138 31.07 -9.65 -18.86
CA THR B 138 31.25 -10.73 -17.90
C THR B 138 32.04 -10.29 -16.65
N SER B 139 32.10 -11.16 -15.63
CA SER B 139 32.76 -10.84 -14.34
C SER B 139 33.89 -11.77 -13.81
N GLY B 140 33.76 -13.10 -13.89
CA GLY B 140 32.60 -13.83 -14.38
C GLY B 140 32.19 -14.91 -13.39
N GLY B 141 31.66 -16.02 -13.88
CA GLY B 141 31.33 -16.17 -15.29
C GLY B 141 29.88 -15.78 -15.47
N THR B 142 29.59 -14.50 -15.22
CA THR B 142 28.24 -13.96 -15.34
C THR B 142 28.20 -12.90 -16.42
N ALA B 143 27.13 -12.91 -17.21
CA ALA B 143 26.97 -11.95 -18.29
C ALA B 143 25.91 -10.89 -17.96
N ALA B 144 26.18 -9.66 -18.36
CA ALA B 144 25.20 -8.59 -18.26
C ALA B 144 24.59 -8.36 -19.63
N LEU B 145 23.25 -8.32 -19.69
CA LEU B 145 22.49 -8.00 -20.91
C LEU B 145 21.33 -7.06 -20.57
N GLY B 146 20.77 -6.37 -21.56
CA GLY B 146 19.72 -5.39 -21.30
C GLY B 146 18.97 -4.84 -22.51
N CYS B 147 18.12 -3.85 -22.25
CA CYS B 147 17.34 -3.13 -23.27
C CYS B 147 17.48 -1.65 -23.00
N LEU B 148 17.52 -0.87 -24.07
CA LEU B 148 17.55 0.57 -23.98
C LEU B 148 16.23 1.13 -24.50
N VAL B 149 15.46 1.74 -23.60
CA VAL B 149 14.17 2.34 -23.94
C VAL B 149 14.38 3.84 -24.15
N LYS B 150 14.40 4.25 -25.42
CA LYS B 150 14.73 5.63 -25.76
C LYS B 150 13.57 6.36 -26.39
N ASP B 151 13.52 7.67 -26.15
CA ASP B 151 12.66 8.61 -26.87
C ASP B 151 11.16 8.41 -26.65
N TYR B 152 10.71 8.72 -25.44
CA TYR B 152 9.29 8.62 -25.11
C TYR B 152 8.86 9.75 -24.22
N PHE B 153 7.59 10.16 -24.35
CA PHE B 153 6.98 11.18 -23.49
C PHE B 153 5.50 10.84 -23.28
N PRO B 154 5.02 10.93 -22.04
CA PRO B 154 5.77 11.23 -20.83
C PRO B 154 6.10 9.93 -20.12
N GLU B 155 6.60 10.05 -18.90
CA GLU B 155 6.79 8.88 -18.04
C GLU B 155 5.40 8.34 -17.70
N PRO B 156 5.31 7.04 -17.37
CA PRO B 156 6.45 6.13 -17.33
C PRO B 156 6.35 5.00 -18.33
N VAL B 157 7.41 4.17 -18.38
CA VAL B 157 7.35 2.86 -19.01
C VAL B 157 7.54 1.74 -17.97
N THR B 158 6.97 0.58 -18.26
CA THR B 158 7.21 -0.60 -17.45
C THR B 158 8.14 -1.50 -18.24
N VAL B 159 9.11 -2.09 -17.54
CA VAL B 159 9.96 -3.11 -18.11
C VAL B 159 9.89 -4.38 -17.26
N SER B 160 9.58 -5.51 -17.90
CA SER B 160 9.73 -6.80 -17.25
C SER B 160 10.51 -7.74 -18.16
N TRP B 161 10.91 -8.88 -17.63
CA TRP B 161 11.72 -9.82 -18.39
C TRP B 161 11.04 -11.17 -18.49
N ASN B 162 11.10 -11.74 -19.69
CA ASN B 162 10.47 -13.03 -19.99
C ASN B 162 9.05 -13.14 -19.43
N SER B 163 8.29 -12.05 -19.63
CA SER B 163 6.88 -11.93 -19.24
C SER B 163 6.63 -12.15 -17.74
N GLY B 164 7.63 -11.81 -16.94
CA GLY B 164 7.55 -11.94 -15.49
C GLY B 164 8.33 -13.12 -14.91
N ALA B 165 8.62 -14.12 -15.76
CA ALA B 165 9.30 -15.34 -15.32
C ALA B 165 10.76 -15.15 -14.87
N LEU B 166 11.36 -14.00 -15.23
CA LEU B 166 12.68 -13.66 -14.72
C LEU B 166 12.62 -12.38 -13.87
N THR B 167 12.92 -12.55 -12.58
CA THR B 167 12.92 -11.44 -11.61
C THR B 167 14.28 -11.24 -10.94
N SER B 168 15.08 -12.31 -10.82
CA SER B 168 16.43 -12.25 -10.22
C SER B 168 17.39 -11.31 -10.95
N GLY B 169 17.98 -10.39 -10.19
CA GLY B 169 19.08 -9.55 -10.68
C GLY B 169 18.78 -8.59 -11.82
N VAL B 170 17.64 -7.90 -11.72
CA VAL B 170 17.26 -6.85 -12.69
C VAL B 170 17.57 -5.46 -12.10
N HIS B 171 18.04 -4.55 -12.95
CA HIS B 171 18.09 -3.15 -12.58
C HIS B 171 17.41 -2.33 -13.67
N THR B 172 16.31 -1.66 -13.30
CA THR B 172 15.65 -0.72 -14.19
C THR B 172 15.92 0.69 -13.70
N PHE B 173 16.68 1.42 -14.49
CA PHE B 173 17.16 2.73 -14.09
C PHE B 173 16.08 3.78 -14.24
N PRO B 174 16.13 4.82 -13.38
CA PRO B 174 15.31 6.00 -13.60
C PRO B 174 15.53 6.60 -14.97
N ALA B 175 14.49 7.22 -15.51
CA ALA B 175 14.56 7.97 -16.77
C ALA B 175 15.43 9.22 -16.65
N VAL B 176 15.99 9.66 -17.77
CA VAL B 176 16.66 10.95 -17.82
C VAL B 176 15.99 11.83 -18.88
N LEU B 177 15.94 13.14 -18.59
CA LEU B 177 15.33 14.12 -19.48
C LEU B 177 16.34 14.57 -20.51
N GLN B 178 16.11 14.20 -21.76
CA GLN B 178 16.95 14.62 -22.89
C GLN B 178 16.65 16.08 -23.26
N SER B 179 17.56 16.72 -23.98
CA SER B 179 17.36 18.12 -24.39
C SER B 179 16.20 18.28 -25.40
N SER B 180 15.85 17.18 -26.08
CA SER B 180 14.67 17.12 -26.96
C SER B 180 13.37 17.41 -26.20
N GLY B 181 13.29 16.90 -24.98
CA GLY B 181 12.07 16.93 -24.19
C GLY B 181 11.57 15.52 -23.95
N LEU B 182 12.28 14.54 -24.51
CA LEU B 182 11.92 13.13 -24.41
C LEU B 182 12.75 12.42 -23.33
N TYR B 183 12.22 11.31 -22.82
CA TYR B 183 12.87 10.55 -21.75
C TYR B 183 13.59 9.31 -22.28
N SER B 184 14.69 8.95 -21.63
CA SER B 184 15.41 7.71 -21.93
C SER B 184 15.63 6.91 -20.67
N LEU B 185 15.64 5.59 -20.83
CA LEU B 185 15.69 4.68 -19.71
C LEU B 185 16.40 3.41 -20.13
N SER B 186 17.07 2.74 -19.19
CA SER B 186 17.67 1.44 -19.47
C SER B 186 17.37 0.42 -18.39
N SER B 187 17.27 -0.84 -18.80
CA SER B 187 16.98 -1.94 -17.91
C SER B 187 17.94 -3.10 -18.21
N VAL B 188 18.77 -3.44 -17.23
CA VAL B 188 19.82 -4.44 -17.41
C VAL B 188 19.66 -5.60 -16.44
N VAL B 189 20.18 -6.76 -16.80
CA VAL B 189 20.04 -7.98 -16.00
C VAL B 189 21.32 -8.83 -16.02
N THR B 190 21.64 -9.45 -14.88
CA THR B 190 22.81 -10.32 -14.77
C THR B 190 22.42 -11.80 -14.81
N VAL B 191 23.08 -12.54 -15.69
CA VAL B 191 22.75 -13.95 -15.94
C VAL B 191 24.03 -14.81 -15.98
N PRO B 192 23.88 -16.16 -15.95
CA PRO B 192 25.05 -16.98 -16.19
C PRO B 192 25.58 -16.78 -17.60
N SER B 193 26.90 -16.64 -17.75
CA SER B 193 27.52 -16.55 -19.08
C SER B 193 27.50 -17.94 -19.71
N SER B 194 27.39 -18.94 -18.86
CA SER B 194 27.37 -20.35 -19.22
C SER B 194 26.22 -20.78 -20.12
N SER B 195 25.05 -20.17 -19.90
CA SER B 195 23.81 -20.64 -20.55
C SER B 195 23.24 -19.68 -21.61
N LEU B 196 24.12 -18.86 -22.19
CA LEU B 196 23.70 -17.86 -23.16
C LEU B 196 23.21 -18.50 -24.46
N GLY B 197 23.63 -19.74 -24.71
CA GLY B 197 23.26 -20.45 -25.92
C GLY B 197 21.88 -21.12 -25.86
N THR B 198 21.49 -21.55 -24.66
CA THR B 198 20.26 -22.32 -24.49
C THR B 198 19.05 -21.55 -23.93
N GLN B 199 19.30 -20.43 -23.25
CA GLN B 199 18.25 -19.62 -22.62
C GLN B 199 17.89 -18.42 -23.48
N THR B 200 16.62 -18.01 -23.39
CA THR B 200 16.08 -16.91 -24.17
C THR B 200 15.70 -15.75 -23.25
N TYR B 201 16.16 -14.55 -23.59
CA TYR B 201 15.86 -13.35 -22.81
C TYR B 201 15.10 -12.29 -23.61
N ILE B 202 13.87 -12.01 -23.18
CA ILE B 202 13.01 -11.03 -23.85
C ILE B 202 12.55 -9.94 -22.86
N CYS B 203 12.88 -8.68 -23.16
CA CYS B 203 12.36 -7.58 -22.36
C CYS B 203 10.96 -7.13 -22.85
N ASN B 204 10.07 -6.89 -21.89
CA ASN B 204 8.71 -6.46 -22.19
C ASN B 204 8.50 -5.02 -21.77
N VAL B 205 8.46 -4.14 -22.77
CA VAL B 205 8.31 -2.71 -22.52
C VAL B 205 6.85 -2.30 -22.78
N ASN B 206 6.24 -1.65 -21.80
CA ASN B 206 4.86 -1.19 -21.90
C ASN B 206 4.81 0.31 -21.63
N HIS B 207 4.32 1.09 -22.61
CA HIS B 207 4.13 2.54 -22.43
C HIS B 207 2.65 2.94 -22.55
N LYS B 208 1.94 2.84 -21.43
CA LYS B 208 0.48 3.05 -21.39
C LYS B 208 -0.03 4.38 -21.95
N PRO B 209 0.70 5.50 -21.71
CA PRO B 209 0.20 6.79 -22.21
C PRO B 209 0.02 6.89 -23.73
N SER B 210 0.80 6.13 -24.50
CA SER B 210 0.63 6.04 -25.95
C SER B 210 0.18 4.65 -26.40
N ASN B 211 -0.13 3.80 -25.42
CA ASN B 211 -0.60 2.44 -25.67
C ASN B 211 0.36 1.60 -26.52
N THR B 212 1.62 1.57 -26.08
CA THR B 212 2.68 0.83 -26.77
C THR B 212 3.15 -0.37 -25.95
N LYS B 213 3.29 -1.51 -26.61
CA LYS B 213 3.79 -2.74 -26.00
C LYS B 213 4.79 -3.39 -26.94
N VAL B 214 6.07 -3.38 -26.55
CA VAL B 214 7.13 -3.96 -27.36
C VAL B 214 7.82 -5.10 -26.61
N ASP B 215 7.99 -6.23 -27.30
CA ASP B 215 8.78 -7.35 -26.80
C ASP B 215 10.08 -7.49 -27.60
N LYS B 216 11.21 -7.33 -26.93
CA LYS B 216 12.50 -7.37 -27.60
C LYS B 216 13.40 -8.49 -27.08
N LYS B 217 13.74 -9.42 -27.97
CA LYS B 217 14.67 -10.49 -27.67
C LYS B 217 16.11 -9.96 -27.75
N VAL B 218 16.87 -10.18 -26.67
CA VAL B 218 18.28 -9.81 -26.63
C VAL B 218 19.16 -11.05 -26.83
N GLU B 219 20.11 -10.92 -27.75
CA GLU B 219 21.01 -11.98 -28.14
C GLU B 219 22.34 -11.34 -28.51
N PRO B 220 23.45 -12.12 -28.48
CA PRO B 220 24.80 -11.63 -28.86
C PRO B 220 24.88 -10.90 -30.22
N LYS B 221 26.00 -10.20 -30.45
CA LYS B 221 26.22 -9.48 -31.71
C LYS B 221 26.34 -10.40 -32.94
N SER B 222 25.71 -9.99 -34.04
CA SER B 222 25.85 -10.67 -35.34
C SER B 222 26.80 -9.90 -36.25
N CYS B 223 27.22 -10.55 -37.34
CA CYS B 223 28.07 -9.92 -38.35
C CYS B 223 27.67 -10.32 -39.78
N ASP C 1 -3.15 24.02 10.07
CA ASP C 1 -4.34 23.57 10.84
C ASP C 1 -4.80 22.19 10.38
N ILE C 2 -4.25 21.12 10.96
CA ILE C 2 -3.21 21.16 12.02
C ILE C 2 -1.82 20.93 11.40
N GLN C 3 -0.78 21.43 12.06
CA GLN C 3 0.60 21.33 11.56
C GLN C 3 1.33 20.11 12.10
N MET C 4 1.90 19.31 11.20
CA MET C 4 2.73 18.15 11.56
C MET C 4 4.15 18.38 11.11
N THR C 5 5.10 18.22 12.01
CA THR C 5 6.52 18.32 11.65
C THR C 5 7.28 17.06 12.04
N GLN C 6 7.88 16.40 11.05
CA GLN C 6 8.60 15.15 11.23
C GLN C 6 10.12 15.39 11.35
N SER C 7 10.79 14.65 12.24
CA SER C 7 12.25 14.76 12.40
C SER C 7 12.95 13.42 12.58
N PRO C 8 14.13 13.24 11.95
CA PRO C 8 14.76 14.18 11.01
C PRO C 8 14.30 13.92 9.58
N SER C 9 14.92 14.58 8.61
CA SER C 9 14.56 14.44 7.18
C SER C 9 15.21 13.22 6.56
N SER C 10 16.35 12.83 7.11
CA SER C 10 17.13 11.69 6.64
C SER C 10 18.01 11.12 7.75
N LEU C 11 18.42 9.88 7.55
CA LEU C 11 19.27 9.15 8.51
C LEU C 11 20.14 8.20 7.70
N SER C 12 21.31 7.88 8.28
CA SER C 12 22.27 6.98 7.64
C SER C 12 22.63 5.80 8.56
N PRO C 13 21.62 5.04 9.01
CA PRO C 13 21.92 3.95 9.94
C PRO C 13 22.62 2.77 9.28
N SER C 14 23.22 1.92 10.10
CA SER C 14 23.83 0.70 9.64
C SER C 14 22.87 -0.44 9.87
N VAL C 15 22.97 -1.47 9.03
CA VAL C 15 22.22 -2.69 9.22
C VAL C 15 22.44 -3.17 10.66
N GLY C 16 21.35 -3.40 11.38
CA GLY C 16 21.42 -3.83 12.78
C GLY C 16 21.23 -2.71 13.78
N ASP C 17 21.14 -1.47 13.29
CA ASP C 17 20.95 -0.31 14.17
C ASP C 17 19.48 -0.06 14.53
N ARG C 18 19.28 0.42 15.75
CA ARG C 18 18.00 0.97 16.15
C ARG C 18 17.87 2.37 15.54
N VAL C 19 16.70 2.64 15.00
CA VAL C 19 16.41 3.92 14.38
C VAL C 19 15.12 4.46 14.99
N THR C 20 15.13 5.73 15.39
CA THR C 20 13.94 6.35 15.94
C THR C 20 13.57 7.58 15.13
N ILE C 21 12.27 7.77 14.92
CA ILE C 21 11.74 8.90 14.16
C ILE C 21 10.70 9.61 15.01
N THR C 22 10.51 10.90 14.76
CA THR C 22 9.67 11.74 15.58
C THR C 22 8.70 12.52 14.72
N CYS C 23 7.45 12.63 15.17
CA CYS C 23 6.48 13.61 14.65
C CYS C 23 5.92 14.47 15.79
N GLN C 24 5.87 15.77 15.57
CA GLN C 24 5.21 16.65 16.51
C GLN C 24 3.98 17.30 15.88
N ALA C 25 2.91 17.36 16.68
CA ALA C 25 1.69 18.05 16.28
C ALA C 25 1.63 19.43 16.96
N SER C 26 1.14 20.43 16.23
CA SER C 26 0.96 21.79 16.77
C SER C 26 -0.06 21.85 17.93
N GLN C 27 -1.17 21.13 17.79
CA GLN C 27 -2.21 21.09 18.83
C GLN C 27 -2.36 19.65 19.31
N ASP C 28 -3.00 19.48 20.48
CA ASP C 28 -3.27 18.14 21.01
C ASP C 28 -4.11 17.29 20.03
N ILE C 29 -3.60 16.10 19.71
CA ILE C 29 -4.30 15.19 18.77
C ILE C 29 -4.51 13.79 19.35
N ARG C 30 -4.52 13.69 20.67
CA ARG C 30 -4.65 12.38 21.34
C ARG C 30 -3.89 11.31 20.54
N ASN C 31 -4.47 10.14 20.32
CA ASN C 31 -3.75 9.04 19.67
C ASN C 31 -3.94 8.96 18.14
N HIS C 32 -4.31 10.07 17.51
CA HIS C 32 -4.65 10.01 16.10
C HIS C 32 -3.44 10.16 15.18
N LEU C 33 -2.50 9.21 15.29
CA LEU C 33 -1.37 9.14 14.36
C LEU C 33 -1.10 7.75 13.78
N ASN C 34 -0.91 7.68 12.46
CA ASN C 34 -0.49 6.44 11.78
C ASN C 34 0.86 6.58 11.12
N TRP C 35 1.63 5.50 11.08
CA TRP C 35 2.93 5.48 10.39
C TRP C 35 2.94 4.52 9.18
N TYR C 36 3.52 4.98 8.08
CA TYR C 36 3.61 4.21 6.85
C TYR C 36 5.06 4.02 6.41
N GLN C 37 5.28 3.00 5.58
CA GLN C 37 6.57 2.71 4.99
C GLN C 37 6.40 2.68 3.47
N GLN C 38 7.16 3.52 2.76
CA GLN C 38 7.10 3.58 1.30
C GLN C 38 8.45 3.24 0.63
N LYS C 39 8.52 2.08 0.00
CA LYS C 39 9.67 1.68 -0.77
C LYS C 39 9.57 2.34 -2.14
N PRO C 40 10.71 2.67 -2.78
CA PRO C 40 10.64 3.43 -4.02
C PRO C 40 9.92 2.64 -5.12
N GLY C 41 9.05 3.34 -5.86
CA GLY C 41 8.23 2.71 -6.89
C GLY C 41 7.04 1.93 -6.36
N LYS C 42 6.96 1.78 -5.04
CA LYS C 42 5.84 1.08 -4.42
C LYS C 42 4.85 2.03 -3.75
N ALA C 43 3.65 1.54 -3.45
CA ALA C 43 2.68 2.31 -2.67
C ALA C 43 3.10 2.27 -1.20
N PRO C 44 2.63 3.24 -0.39
CA PRO C 44 2.90 3.12 1.05
C PRO C 44 2.29 1.86 1.68
N LYS C 45 2.81 1.48 2.84
CA LYS C 45 2.35 0.33 3.59
C LYS C 45 2.10 0.76 5.03
N LEU C 46 0.90 0.50 5.53
CA LEU C 46 0.60 0.76 6.92
C LEU C 46 1.45 -0.09 7.83
N LEU C 47 2.09 0.54 8.82
CA LEU C 47 2.91 -0.18 9.80
C LEU C 47 2.34 -0.06 11.18
N ILE C 48 1.98 1.17 11.54
CA ILE C 48 1.46 1.49 12.85
C ILE C 48 0.18 2.25 12.69
N TYR C 49 -0.86 1.87 13.43
CA TYR C 49 -2.09 2.66 13.47
C TYR C 49 -2.47 3.10 14.89
N ASP C 50 -3.17 4.23 14.97
CA ASP C 50 -3.62 4.81 16.25
C ASP C 50 -2.47 4.97 17.24
N ALA C 51 -1.36 5.51 16.75
CA ALA C 51 -0.17 5.84 17.56
C ALA C 51 0.70 4.66 17.97
N SER C 52 0.09 3.57 18.44
CA SER C 52 0.91 2.50 19.06
C SER C 52 0.56 1.05 18.69
N ASN C 53 -0.22 0.85 17.63
CA ASN C 53 -0.63 -0.51 17.25
C ASN C 53 0.04 -1.06 15.99
N LEU C 54 0.62 -2.26 16.10
CA LEU C 54 1.16 -3.00 14.95
C LEU C 54 0.06 -3.45 14.01
N ALA C 55 0.17 -3.04 12.76
CA ALA C 55 -0.78 -3.50 11.74
C ALA C 55 -0.49 -4.97 11.53
N THR C 56 -1.55 -5.75 11.32
CA THR C 56 -1.45 -7.22 11.27
C THR C 56 -0.45 -7.66 10.20
N GLY C 57 0.38 -8.65 10.56
CA GLY C 57 1.40 -9.20 9.67
C GLY C 57 2.66 -8.37 9.57
N VAL C 58 2.70 -7.23 10.26
CA VAL C 58 3.87 -6.36 10.21
C VAL C 58 4.90 -6.86 11.24
N PRO C 59 6.18 -6.97 10.83
CA PRO C 59 7.19 -7.55 11.71
C PRO C 59 7.29 -6.84 13.06
N SER C 60 7.64 -7.64 14.06
CA SER C 60 7.74 -7.22 15.45
C SER C 60 8.80 -6.14 15.76
N ARG C 61 9.75 -5.91 14.86
CA ARG C 61 10.73 -4.84 15.06
C ARG C 61 10.15 -3.41 14.98
N PHE C 62 8.97 -3.28 14.39
CA PHE C 62 8.30 -1.98 14.25
C PHE C 62 7.42 -1.67 15.46
N SER C 63 7.52 -0.45 15.97
CA SER C 63 6.67 -0.01 17.07
C SER C 63 6.51 1.50 17.06
N GLY C 64 5.47 2.00 17.74
CA GLY C 64 5.21 3.43 17.79
C GLY C 64 4.81 3.88 19.19
N SER C 65 4.97 5.18 19.47
CA SER C 65 4.64 5.75 20.78
C SER C 65 4.14 7.18 20.69
N GLY C 66 3.48 7.64 21.76
CA GLY C 66 3.12 9.05 21.93
C GLY C 66 1.67 9.25 22.24
N SER C 67 1.32 10.42 22.79
CA SER C 67 -0.07 10.72 23.10
C SER C 67 -0.56 12.06 22.56
N GLY C 68 -0.06 13.17 23.08
CA GLY C 68 -0.70 14.45 22.76
C GLY C 68 -0.20 15.13 21.49
N THR C 69 1.09 15.50 21.51
CA THR C 69 1.70 16.26 20.42
C THR C 69 3.01 15.58 20.01
N ASP C 70 3.54 14.75 20.90
CA ASP C 70 4.84 14.13 20.66
C ASP C 70 4.70 12.64 20.43
N PHE C 71 5.23 12.19 19.29
CA PHE C 71 5.10 10.80 18.87
C PHE C 71 6.41 10.27 18.33
N THR C 72 6.63 8.98 18.50
CA THR C 72 7.89 8.34 18.15
C THR C 72 7.62 7.04 17.40
N PHE C 73 8.35 6.83 16.32
CA PHE C 73 8.35 5.57 15.57
C PHE C 73 9.72 4.91 15.68
N THR C 74 9.77 3.60 15.94
CA THR C 74 11.03 2.91 16.19
C THR C 74 11.19 1.56 15.47
N ILE C 75 12.31 1.40 14.75
CA ILE C 75 12.75 0.11 14.21
C ILE C 75 13.86 -0.42 15.12
N SER C 76 13.57 -1.49 15.87
CA SER C 76 14.48 -1.95 16.93
C SER C 76 15.88 -2.34 16.40
N SER C 77 15.93 -3.03 15.26
CA SER C 77 17.19 -3.24 14.57
C SER C 77 16.94 -3.36 13.08
N LEU C 78 17.49 -2.41 12.33
CA LEU C 78 17.27 -2.28 10.91
C LEU C 78 17.73 -3.50 10.11
N GLN C 79 16.89 -3.94 9.18
CA GLN C 79 17.21 -4.99 8.20
C GLN C 79 17.33 -4.34 6.81
N PRO C 80 18.07 -4.97 5.87
CA PRO C 80 18.32 -4.32 4.57
C PRO C 80 17.05 -3.98 3.78
N GLU C 81 16.03 -4.81 3.93
CA GLU C 81 14.76 -4.63 3.21
C GLU C 81 13.93 -3.48 3.80
N ASP C 82 14.30 -3.02 4.99
CA ASP C 82 13.62 -1.90 5.66
C ASP C 82 13.92 -0.55 5.04
N LEU C 83 14.73 -0.55 3.98
CA LEU C 83 15.08 0.67 3.27
C LEU C 83 13.84 1.26 2.67
N ALA C 84 13.53 2.50 3.06
CA ALA C 84 12.28 3.16 2.65
C ALA C 84 12.21 4.58 3.16
N THR C 85 11.25 5.33 2.64
CA THR C 85 10.85 6.59 3.21
C THR C 85 9.66 6.35 4.14
N TYR C 86 9.70 6.98 5.32
CA TYR C 86 8.76 6.75 6.41
C TYR C 86 7.96 8.01 6.70
N TYR C 87 6.64 7.85 6.82
CA TYR C 87 5.72 8.96 6.99
C TYR C 87 4.80 8.77 8.19
N CYS C 88 4.54 9.86 8.90
CA CYS C 88 3.47 9.91 9.89
C CYS C 88 2.24 10.59 9.26
N GLN C 89 1.06 10.25 9.75
CA GLN C 89 -0.19 10.80 9.25
C GLN C 89 -1.12 11.09 10.40
N HIS C 90 -1.50 12.35 10.52
CA HIS C 90 -2.51 12.75 11.50
C HIS C 90 -3.89 12.60 10.88
N TYR C 91 -4.85 12.13 11.66
CA TYR C 91 -6.22 12.05 11.15
C TYR C 91 -7.22 12.71 12.09
N ASP C 92 -8.26 13.29 11.51
CA ASP C 92 -9.35 13.81 12.30
C ASP C 92 -10.65 13.36 11.67
N ASP C 93 -11.66 13.13 12.49
CA ASP C 93 -12.97 12.67 12.01
C ASP C 93 -13.85 13.68 11.24
N LEU C 94 -13.42 14.94 11.21
CA LEU C 94 -14.21 16.02 10.61
C LEU C 94 -14.61 15.84 9.13
N PRO C 95 -13.68 15.36 8.29
CA PRO C 95 -12.31 14.90 8.49
C PRO C 95 -11.24 15.92 8.12
N ARG C 96 -10.08 15.77 8.75
CA ARG C 96 -8.82 16.44 8.37
C ARG C 96 -7.72 15.38 8.37
N ILE C 97 -6.96 15.31 7.28
CA ILE C 97 -5.85 14.36 7.15
C ILE C 97 -4.59 15.12 6.77
N THR C 98 -3.51 14.85 7.49
CA THR C 98 -2.25 15.55 7.30
C THR C 98 -1.07 14.59 7.40
N PHE C 99 -0.28 14.49 6.34
CA PHE C 99 0.92 13.66 6.34
C PHE C 99 2.16 14.49 6.69
N GLY C 100 3.08 13.90 7.44
CA GLY C 100 4.40 14.48 7.68
C GLY C 100 5.21 14.51 6.39
N GLN C 101 6.32 15.24 6.41
CA GLN C 101 7.20 15.38 5.24
C GLN C 101 7.96 14.11 4.85
N GLY C 102 8.16 13.21 5.81
CA GLY C 102 8.90 11.97 5.57
C GLY C 102 10.33 11.99 6.09
N THR C 103 10.83 10.80 6.41
CA THR C 103 12.23 10.55 6.76
C THR C 103 12.80 9.52 5.79
N ARG C 104 13.78 9.95 5.00
CA ARG C 104 14.48 9.06 4.06
C ARG C 104 15.57 8.26 4.76
N LEU C 105 15.74 7.01 4.35
CA LEU C 105 16.83 6.18 4.89
C LEU C 105 17.94 5.95 3.88
N GLU C 106 19.18 6.14 4.33
CA GLU C 106 20.37 5.75 3.58
C GLU C 106 21.16 4.76 4.42
N ILE C 107 21.11 3.49 4.02
CA ILE C 107 21.79 2.43 4.72
C ILE C 107 23.31 2.49 4.50
N LYS C 108 24.05 2.48 5.60
CA LYS C 108 25.50 2.42 5.56
C LYS C 108 25.95 0.98 5.48
N ARG C 109 26.85 0.71 4.55
CA ARG C 109 27.38 -0.62 4.37
C ARG C 109 28.84 -0.58 3.91
N THR C 110 29.45 -1.75 3.80
CA THR C 110 30.85 -1.85 3.42
C THR C 110 31.11 -1.47 1.97
N VAL C 111 32.22 -0.77 1.76
CA VAL C 111 32.62 -0.34 0.42
C VAL C 111 32.68 -1.53 -0.53
N ALA C 112 32.18 -1.32 -1.75
CA ALA C 112 32.18 -2.35 -2.79
C ALA C 112 32.46 -1.72 -4.14
N ALA C 113 33.44 -2.30 -4.84
CA ALA C 113 33.83 -1.85 -6.17
C ALA C 113 32.75 -2.24 -7.17
N PRO C 114 32.45 -1.35 -8.12
CA PRO C 114 31.47 -1.69 -9.15
C PRO C 114 32.00 -2.70 -10.15
N SER C 115 31.11 -3.53 -10.69
CA SER C 115 31.40 -4.25 -11.90
C SER C 115 31.12 -3.28 -13.03
N VAL C 116 32.05 -3.15 -13.97
CA VAL C 116 31.88 -2.22 -15.08
C VAL C 116 31.69 -2.95 -16.40
N PHE C 117 30.64 -2.58 -17.12
CA PHE C 117 30.30 -3.18 -18.40
C PHE C 117 30.10 -2.04 -19.39
N ILE C 118 30.26 -2.35 -20.68
CA ILE C 118 30.07 -1.36 -21.74
C ILE C 118 29.29 -1.97 -22.92
N PHE C 119 28.45 -1.16 -23.55
CA PHE C 119 27.58 -1.62 -24.63
C PHE C 119 27.67 -0.70 -25.84
N PRO C 120 28.18 -1.24 -26.97
CA PRO C 120 28.20 -0.49 -28.22
C PRO C 120 26.76 -0.32 -28.73
N PRO C 121 26.52 0.72 -29.54
CA PRO C 121 25.21 0.91 -30.16
C PRO C 121 24.73 -0.34 -30.90
N SER C 122 23.41 -0.49 -31.00
CA SER C 122 22.81 -1.57 -31.78
C SER C 122 22.71 -1.19 -33.27
N ASP C 123 22.85 -2.20 -34.13
CA ASP C 123 22.69 -2.03 -35.57
C ASP C 123 21.35 -1.40 -35.94
N GLU C 124 20.29 -1.79 -35.23
CA GLU C 124 18.95 -1.23 -35.41
C GLU C 124 18.91 0.27 -35.13
N GLN C 125 19.57 0.70 -34.06
CA GLN C 125 19.58 2.10 -33.69
C GLN C 125 20.34 2.97 -34.68
N LEU C 126 21.46 2.46 -35.18
CA LEU C 126 22.25 3.19 -36.17
C LEU C 126 21.50 3.50 -37.46
N LYS C 127 20.67 2.56 -37.93
CA LYS C 127 19.86 2.77 -39.13
C LYS C 127 19.05 4.06 -39.10
N SER C 128 18.59 4.45 -37.91
CA SER C 128 17.79 5.66 -37.74
C SER C 128 18.65 6.93 -37.63
N GLY C 129 19.96 6.76 -37.65
CA GLY C 129 20.90 7.88 -37.70
C GLY C 129 21.44 8.44 -36.38
N THR C 130 21.34 7.66 -35.29
CA THR C 130 21.89 8.07 -33.99
C THR C 130 22.56 6.92 -33.23
N ALA C 131 23.62 7.22 -32.47
CA ALA C 131 24.39 6.20 -31.74
C ALA C 131 24.39 6.38 -30.22
N SER C 132 23.95 5.34 -29.51
CA SER C 132 23.96 5.34 -28.05
C SER C 132 24.90 4.29 -27.50
N VAL C 133 25.89 4.75 -26.75
CA VAL C 133 26.83 3.88 -26.08
C VAL C 133 26.54 3.92 -24.58
N VAL C 134 26.45 2.76 -23.96
CA VAL C 134 26.07 2.70 -22.55
C VAL C 134 27.17 2.07 -21.69
N CYS C 135 27.53 2.77 -20.62
CA CYS C 135 28.48 2.26 -19.64
C CYS C 135 27.75 1.90 -18.36
N LEU C 136 27.85 0.64 -17.96
CA LEU C 136 27.10 0.13 -16.83
C LEU C 136 27.97 -0.13 -15.59
N LEU C 137 27.59 0.49 -14.47
CA LEU C 137 28.23 0.26 -13.17
C LEU C 137 27.26 -0.48 -12.27
N ASN C 138 27.61 -1.70 -11.88
CA ASN C 138 26.73 -2.53 -11.08
C ASN C 138 27.15 -2.69 -9.63
N ASN C 139 26.15 -2.65 -8.74
CA ASN C 139 26.31 -3.03 -7.33
C ASN C 139 27.53 -2.42 -6.62
N PHE C 140 27.47 -1.12 -6.34
CA PHE C 140 28.56 -0.41 -5.68
C PHE C 140 28.09 0.44 -4.50
N TYR C 141 29.01 0.66 -3.55
CA TYR C 141 28.78 1.54 -2.39
C TYR C 141 30.11 2.15 -1.95
N PRO C 142 30.13 3.45 -1.59
CA PRO C 142 29.02 4.42 -1.55
C PRO C 142 28.58 4.87 -2.95
N ARG C 143 27.58 5.75 -3.00
CA ARG C 143 26.93 6.13 -4.26
C ARG C 143 27.81 6.97 -5.17
N GLU C 144 28.73 7.73 -4.56
CA GLU C 144 29.62 8.61 -5.31
C GLU C 144 30.52 7.84 -6.27
N ALA C 145 30.57 8.33 -7.50
CA ALA C 145 31.29 7.69 -8.60
C ALA C 145 31.41 8.72 -9.71
N LYS C 146 32.48 8.60 -10.50
CA LYS C 146 32.66 9.46 -11.66
C LYS C 146 32.86 8.60 -12.90
N VAL C 147 32.13 8.94 -13.95
CA VAL C 147 32.24 8.26 -15.23
C VAL C 147 32.87 9.21 -16.22
N GLN C 148 33.97 8.76 -16.83
CA GLN C 148 34.70 9.55 -17.78
C GLN C 148 34.59 8.93 -19.17
N TRP C 149 34.01 9.67 -20.10
CA TRP C 149 33.93 9.22 -21.48
C TRP C 149 35.10 9.76 -22.28
N LYS C 150 35.98 8.84 -22.67
CA LYS C 150 37.11 9.17 -23.53
C LYS C 150 36.82 8.63 -24.92
N VAL C 151 37.00 9.48 -25.92
CA VAL C 151 36.87 9.10 -27.32
C VAL C 151 38.22 9.29 -28.02
N ASP C 152 38.75 8.18 -28.55
CA ASP C 152 40.12 8.11 -29.07
C ASP C 152 41.16 8.49 -28.01
N ASN C 153 40.93 8.03 -26.78
CA ASN C 153 41.80 8.28 -25.61
C ASN C 153 42.54 9.63 -25.57
N ALA C 154 41.95 10.64 -26.19
CA ALA C 154 42.61 11.93 -26.41
C ALA C 154 41.85 13.06 -25.75
N LEU C 155 40.50 12.98 -25.81
CA LEU C 155 39.66 14.02 -25.22
C LEU C 155 38.44 13.47 -24.48
N GLN C 156 38.26 13.99 -23.27
CA GLN C 156 37.05 13.77 -22.50
C GLN C 156 35.94 14.64 -23.10
N SER C 157 34.79 14.01 -23.37
CA SER C 157 33.69 14.71 -24.04
C SER C 157 32.76 15.40 -23.04
N GLY C 158 31.69 16.02 -23.55
CA GLY C 158 30.67 16.68 -22.72
C GLY C 158 29.26 16.61 -23.31
N ASN C 159 28.77 15.41 -23.60
CA ASN C 159 27.47 15.17 -24.24
C ASN C 159 26.84 13.81 -23.86
N SER C 160 26.70 13.59 -22.56
CA SER C 160 26.17 12.34 -22.06
C SER C 160 25.20 12.58 -20.92
N GLN C 161 24.55 11.52 -20.47
CA GLN C 161 23.61 11.59 -19.36
C GLN C 161 23.74 10.33 -18.50
N GLU C 162 23.56 10.49 -17.19
CA GLU C 162 23.54 9.36 -16.27
C GLU C 162 22.43 9.46 -15.21
N SER C 163 22.03 8.31 -14.67
CA SER C 163 21.13 8.24 -13.53
C SER C 163 21.58 7.15 -12.55
N VAL C 164 21.36 7.42 -11.26
CA VAL C 164 21.66 6.46 -10.21
C VAL C 164 20.37 5.76 -9.83
N THR C 165 20.46 4.44 -9.63
CA THR C 165 19.35 3.63 -9.13
C THR C 165 19.07 3.97 -7.64
N GLU C 166 17.91 3.58 -7.14
CA GLU C 166 17.65 3.70 -5.71
C GLU C 166 18.46 2.60 -4.99
N GLN C 167 18.78 2.82 -3.72
CA GLN C 167 19.56 1.84 -2.96
C GLN C 167 18.85 0.49 -2.91
N ASP C 168 19.61 -0.58 -3.06
CA ASP C 168 19.05 -1.93 -3.19
C ASP C 168 18.51 -2.49 -1.87
N SER C 169 17.41 -3.24 -1.96
CA SER C 169 16.73 -3.80 -0.78
C SER C 169 17.46 -4.99 -0.18
N LYS C 170 18.14 -5.77 -1.01
CA LYS C 170 18.76 -7.01 -0.54
C LYS C 170 20.20 -6.80 -0.06
N ASP C 171 20.99 -6.07 -0.85
CA ASP C 171 22.43 -5.91 -0.58
C ASP C 171 22.89 -4.45 -0.40
N SER C 172 21.94 -3.51 -0.42
CA SER C 172 22.21 -2.09 -0.15
C SER C 172 23.14 -1.40 -1.14
N THR C 173 23.24 -1.93 -2.36
CA THR C 173 24.13 -1.33 -3.36
C THR C 173 23.41 -0.38 -4.31
N TYR C 174 24.19 0.43 -5.02
CA TYR C 174 23.67 1.34 -6.05
C TYR C 174 24.13 0.86 -7.42
N SER C 175 23.47 1.35 -8.48
CA SER C 175 23.92 1.12 -9.85
C SER C 175 23.74 2.39 -10.65
N LEU C 176 24.69 2.66 -11.53
CA LEU C 176 24.64 3.83 -12.40
C LEU C 176 24.67 3.38 -13.86
N SER C 177 24.03 4.17 -14.70
CA SER C 177 24.01 3.93 -16.12
C SER C 177 24.24 5.27 -16.80
N SER C 178 25.34 5.36 -17.55
CA SER C 178 25.63 6.55 -18.31
C SER C 178 25.46 6.24 -19.79
N THR C 179 24.95 7.21 -20.52
CA THR C 179 24.71 7.03 -21.93
C THR C 179 25.37 8.14 -22.74
N LEU C 180 26.27 7.74 -23.62
CA LEU C 180 26.89 8.65 -24.57
C LEU C 180 26.11 8.58 -25.87
N THR C 181 25.70 9.74 -26.36
CA THR C 181 24.87 9.84 -27.56
C THR C 181 25.45 10.89 -28.49
N LEU C 182 25.71 10.50 -29.73
CA LEU C 182 26.42 11.36 -30.67
C LEU C 182 25.76 11.59 -32.03
N SER C 183 25.22 10.52 -32.63
CA SER C 183 24.80 10.47 -34.05
C SER C 183 25.69 9.48 -34.83
N LYS C 184 25.19 9.03 -36.00
CA LYS C 184 25.95 8.13 -36.86
C LYS C 184 27.13 8.86 -37.49
N ALA C 185 26.91 10.13 -37.81
CA ALA C 185 27.93 10.97 -38.43
C ALA C 185 29.20 11.11 -37.59
N ASP C 186 29.04 11.38 -36.30
CA ASP C 186 30.19 11.61 -35.41
C ASP C 186 30.76 10.31 -34.85
N TYR C 187 29.95 9.26 -34.84
CA TYR C 187 30.36 7.96 -34.26
C TYR C 187 31.35 7.22 -35.16
N GLU C 188 31.20 7.40 -36.47
CA GLU C 188 32.04 6.69 -37.42
C GLU C 188 33.31 7.46 -37.79
N LYS C 189 33.43 8.69 -37.29
CA LYS C 189 34.65 9.49 -37.44
C LYS C 189 35.75 8.99 -36.50
N HIS C 190 35.35 8.54 -35.31
CA HIS C 190 36.29 8.12 -34.28
C HIS C 190 36.28 6.60 -34.12
N LYS C 191 37.28 6.07 -33.41
CA LYS C 191 37.57 4.63 -33.41
C LYS C 191 37.31 3.96 -32.06
N VAL C 192 37.98 4.46 -31.02
CA VAL C 192 37.95 3.84 -29.69
C VAL C 192 36.94 4.56 -28.80
N TYR C 193 36.11 3.78 -28.10
CA TYR C 193 35.14 4.32 -27.15
C TYR C 193 35.35 3.74 -25.76
N ALA C 194 35.75 4.61 -24.83
CA ALA C 194 36.15 4.18 -23.50
C ALA C 194 35.33 4.83 -22.42
N CYS C 195 35.01 4.01 -21.41
CA CYS C 195 34.37 4.47 -20.21
C CYS C 195 35.35 4.28 -19.04
N GLU C 196 35.77 5.40 -18.46
CA GLU C 196 36.69 5.37 -17.31
C GLU C 196 35.96 5.63 -16.00
N VAL C 197 35.91 4.63 -15.14
CA VAL C 197 35.17 4.74 -13.87
C VAL C 197 36.08 5.03 -12.69
N THR C 198 35.78 6.12 -11.98
CA THR C 198 36.58 6.57 -10.85
C THR C 198 35.81 6.46 -9.54
N HIS C 199 35.78 5.24 -8.97
CA HIS C 199 35.10 4.99 -7.70
C HIS C 199 36.09 4.88 -6.53
N GLN C 200 35.59 4.97 -5.31
CA GLN C 200 36.41 4.86 -4.10
C GLN C 200 36.91 3.43 -3.84
N GLY C 201 36.16 2.44 -4.29
CA GLY C 201 36.52 1.03 -4.09
C GLY C 201 37.50 0.48 -5.12
N LEU C 202 38.01 1.39 -5.94
CA LEU C 202 39.04 1.09 -6.94
C LEU C 202 40.34 1.85 -6.62
N SER C 203 41.45 1.12 -6.56
CA SER C 203 42.78 1.71 -6.36
C SER C 203 43.05 2.78 -7.41
N SER C 204 43.16 2.33 -8.66
CA SER C 204 43.27 3.22 -9.81
C SER C 204 41.98 3.12 -10.62
N PRO C 205 41.59 4.22 -11.30
CA PRO C 205 40.40 4.22 -12.16
C PRO C 205 40.36 3.03 -13.14
N VAL C 206 39.20 2.41 -13.27
CA VAL C 206 39.03 1.30 -14.20
C VAL C 206 38.51 1.81 -15.54
N THR C 207 38.95 1.17 -16.62
CA THR C 207 38.52 1.52 -17.97
C THR C 207 37.97 0.31 -18.74
N LYS C 208 36.84 0.52 -19.41
CA LYS C 208 36.23 -0.52 -20.23
C LYS C 208 35.92 0.07 -21.60
N SER C 209 36.28 -0.65 -22.66
CA SER C 209 36.15 -0.12 -24.03
C SER C 209 36.01 -1.18 -25.13
N PHE C 210 35.68 -0.71 -26.34
CA PHE C 210 35.54 -1.55 -27.55
C PHE C 210 36.04 -0.76 -28.78
N ASN C 211 36.06 -1.44 -29.94
CA ASN C 211 36.40 -0.80 -31.21
C ASN C 211 35.39 -1.18 -32.30
N ARG C 212 34.94 -0.18 -33.09
CA ARG C 212 34.07 -0.37 -34.29
C ARG C 212 33.31 0.95 -34.62
N GLY C 213 32.67 1.06 -35.78
CA GLY C 213 32.57 0.00 -36.81
C GLY C 213 32.82 0.45 -38.25
N GLY C 214 32.24 -0.33 -39.19
CA GLY C 214 32.48 -0.07 -40.60
C GLY C 214 31.31 0.58 -41.33
N CYS C 215 31.11 0.20 -42.59
CA CYS C 215 30.05 0.77 -43.41
C CYS C 215 30.63 1.71 -44.47
#